data_2IWK
#
_entry.id   2IWK
#
_cell.length_a   71.114
_cell.length_b   120.913
_cell.length_c   137.343
_cell.angle_alpha   90.00
_cell.angle_beta   90.00
_cell.angle_gamma   90.00
#
_symmetry.space_group_name_H-M   'P 21 21 21'
#
loop_
_entity.id
_entity.type
_entity.pdbx_description
1 polymer 'NITROUS OXIDE REDUCTASE'
2 non-polymer 'COPPER (II) ION'
3 non-polymer '(MU-4-SULFIDO)-TETRA-NUCLEAR COPPER ION'
4 non-polymer 'IODIDE ION'
5 non-polymer 'CALCIUM ION'
6 non-polymer 'CHLORIDE ION'
7 non-polymer 'SODIUM ION'
8 water water
#
_entity_poly.entity_id   1
_entity_poly.type   'polypeptide(L)'
_entity_poly.pdbx_seq_one_letter_code
;MESKEHKGLSRRALFSATAGSAILAGTVGPAALSLGAAGLATPARAATGADGSVAPGKLDDYYGFWSSGQTGEMRILGIP
SMRELMRVPVFNRCSATGWGQTNESIRIHQRTMTEKTKKQLAANGKKIHDNGDLHHVHMSFTDGKYDGRYLFMNDKANTR
VARVRCDVMKTDAILEIPNAKGIHGMRPQKWPRSNYVFCNGEDEAPLVNDGSTMTDVATYVNIFTAVDADKWEVAWQVKV
SGNLDNCDADYEGKWAFSTSYNSEMGMTLEEMTKSEMDHVVVFNIAEIEKAIKAGQYEEINGVKVVDGRKEAKSLFTRYI
PIANNPHGCNMAPDRKHLCVAGKLSPTVTVLDVTKFDALFYDNAEPRSAVVAEPELGLGPLHTAFDGRGNAYTSLFLDSQ
VVKWNIDEAIRAYAGEKINPIKDKLDVQYQPGHLKTVMGETLDAANDWLVCLCKFSKDRFLNVGPLKPENDQLIDISGDK
MVLVHDGPTFAEPHDAIAVSPSILPNIRSVWDRNDPLWAETRKQAEADEVDIDEWTEAVIRDGNKVRVYMTSVAPSFSQP
SFTVKEGDEVTVIVTNLDEIDDLTHGFTMGNHGVAMEVGPQQTSSVTFVAANPGVYWYYCQWFCHALHMEMRGRMFVEPK
GA
;
_entity_poly.pdbx_strand_id   A,B
#
# COMPACT_ATOMS: atom_id res chain seq x y z
N ALA A 50 4.50 1.30 31.75
CA ALA A 50 3.96 2.45 30.98
C ALA A 50 2.62 2.11 30.34
N ASP A 51 1.95 3.14 29.84
CA ASP A 51 0.53 3.08 29.54
C ASP A 51 0.12 2.66 28.12
N GLY A 52 0.63 3.33 27.08
CA GLY A 52 0.06 3.11 25.74
C GLY A 52 0.70 3.81 24.56
N SER A 53 0.18 4.90 23.98
CA SER A 53 -1.00 5.75 24.38
C SER A 53 -0.62 7.22 24.20
N VAL A 54 -1.01 7.86 23.10
CA VAL A 54 -0.50 9.19 22.76
C VAL A 54 -1.66 10.16 22.44
N ALA A 55 -1.88 11.12 23.33
CA ALA A 55 -3.01 12.03 23.21
C ALA A 55 -2.91 12.96 22.01
N PRO A 56 -4.06 13.44 21.50
CA PRO A 56 -4.03 14.44 20.48
C PRO A 56 -3.15 15.62 20.86
N GLY A 57 -2.25 15.96 19.96
CA GLY A 57 -1.32 17.09 20.15
C GLY A 57 0.03 16.67 20.70
N LYS A 58 0.11 15.51 21.33
CA LYS A 58 1.36 14.96 21.79
C LYS A 58 1.99 14.13 20.67
N LEU A 59 3.32 14.07 20.67
CA LEU A 59 4.04 13.24 19.70
C LEU A 59 4.46 11.90 20.29
N ASP A 60 4.68 10.93 19.40
CA ASP A 60 5.26 9.67 19.80
C ASP A 60 6.68 9.90 20.32
N ASP A 61 7.18 8.95 21.13
CA ASP A 61 8.54 9.04 21.70
C ASP A 61 9.63 8.52 20.78
N TYR A 62 9.24 7.65 19.85
CA TYR A 62 10.22 7.02 18.96
C TYR A 62 9.62 6.87 17.57
N TYR A 63 10.51 6.92 16.58
CA TYR A 63 10.22 6.49 15.22
C TYR A 63 10.39 4.99 15.15
N GLY A 64 9.47 4.33 14.47
CA GLY A 64 9.58 2.93 14.11
C GLY A 64 9.70 2.79 12.60
N PHE A 65 10.63 1.94 12.16
CA PHE A 65 10.85 1.67 10.74
C PHE A 65 10.60 0.20 10.56
N TRP A 66 9.56 -0.11 9.81
CA TRP A 66 8.98 -1.41 9.69
C TRP A 66 9.19 -1.96 8.27
N SER A 67 9.61 -3.22 8.21
CA SER A 67 9.56 -3.98 6.97
C SER A 67 8.08 -4.25 6.67
N SER A 68 7.81 -4.74 5.46
CA SER A 68 6.41 -5.01 5.06
C SER A 68 6.29 -6.29 4.24
N GLY A 69 7.35 -7.07 4.21
CA GLY A 69 7.36 -8.30 3.50
C GLY A 69 7.02 -8.07 2.03
N GLN A 70 6.16 -8.95 1.57
CA GLN A 70 5.67 -8.96 0.19
C GLN A 70 4.95 -7.69 -0.27
N THR A 71 4.60 -6.76 0.63
CA THR A 71 4.05 -5.48 0.19
C THR A 71 5.12 -4.65 -0.53
N GLY A 72 6.39 -4.88 -0.20
CA GLY A 72 7.50 -4.22 -0.87
C GLY A 72 7.82 -2.79 -0.49
N GLU A 73 7.18 -2.27 0.56
CA GLU A 73 7.38 -0.92 1.00
C GLU A 73 8.05 -0.86 2.40
N MET A 74 8.57 0.31 2.77
CA MET A 74 9.00 0.54 4.15
C MET A 74 7.91 1.38 4.82
N ARG A 75 7.58 1.05 6.05
CA ARG A 75 6.55 1.80 6.83
C ARG A 75 7.20 2.52 7.95
N ILE A 76 6.72 3.72 8.25
CA ILE A 76 7.21 4.47 9.39
C ILE A 76 6.04 4.53 10.39
N LEU A 77 6.27 4.09 11.64
CA LEU A 77 5.27 4.12 12.69
C LEU A 77 5.71 5.07 13.81
N GLY A 78 4.76 5.51 14.62
CA GLY A 78 5.11 6.09 15.89
C GLY A 78 5.02 5.06 17.00
N ILE A 79 5.95 5.12 17.96
CA ILE A 79 5.93 4.27 19.14
C ILE A 79 5.88 5.23 20.36
N PRO A 80 5.06 4.93 21.37
CA PRO A 80 4.30 3.70 21.53
C PRO A 80 2.86 3.63 21.01
N SER A 81 2.40 4.63 20.28
CA SER A 81 1.00 4.55 19.71
C SER A 81 0.80 3.43 18.70
N MET A 82 1.87 3.03 18.03
CA MET A 82 1.87 2.02 16.97
C MET A 82 1.05 2.44 15.77
N ARG A 83 0.89 3.74 15.57
CA ARG A 83 0.15 4.26 14.40
C ARG A 83 1.11 4.37 13.21
N GLU A 84 0.62 4.10 12.02
CA GLU A 84 1.41 4.24 10.81
C GLU A 84 1.40 5.69 10.34
N LEU A 85 2.58 6.30 10.39
CA LEU A 85 2.79 7.68 9.94
C LEU A 85 2.99 7.84 8.45
N MET A 86 3.67 6.87 7.81
CA MET A 86 4.03 7.03 6.40
C MET A 86 4.30 5.67 5.78
N ARG A 87 4.10 5.62 4.46
CA ARG A 87 4.57 4.51 3.64
C ARG A 87 5.57 5.03 2.63
N VAL A 88 6.67 4.32 2.49
CA VAL A 88 7.73 4.74 1.63
C VAL A 88 7.88 3.65 0.58
N PRO A 89 7.52 3.94 -0.66
CA PRO A 89 7.60 2.88 -1.66
C PRO A 89 9.06 2.54 -1.98
N VAL A 90 9.33 1.24 -2.18
CA VAL A 90 10.67 0.77 -2.52
C VAL A 90 10.63 -0.15 -3.71
N PHE A 91 10.05 -1.34 -3.56
CA PHE A 91 9.99 -2.30 -4.65
C PHE A 91 8.61 -2.40 -5.29
N ASN A 92 7.63 -1.76 -4.65
CA ASN A 92 6.25 -1.71 -5.08
C ASN A 92 5.95 -0.58 -6.05
N ARG A 93 4.86 -0.75 -6.81
CA ARG A 93 4.37 0.27 -7.71
C ARG A 93 3.35 1.07 -6.92
N CYS A 94 3.66 2.33 -6.66
CA CYS A 94 2.84 3.15 -5.76
C CYS A 94 1.91 4.03 -6.59
N SER A 95 0.63 3.69 -6.62
CA SER A 95 -0.38 4.45 -7.35
C SER A 95 -0.48 5.94 -6.92
N ALA A 96 -0.18 6.19 -5.66
CA ALA A 96 -0.34 7.53 -5.12
C ALA A 96 0.75 8.47 -5.61
N THR A 97 2.00 8.02 -5.46
CA THR A 97 3.17 8.92 -5.63
C THR A 97 3.81 8.82 -6.99
N GLY A 98 3.47 7.76 -7.72
CA GLY A 98 4.07 7.56 -8.99
C GLY A 98 5.35 6.75 -8.91
N TRP A 99 5.77 6.30 -7.74
CA TRP A 99 6.97 5.42 -7.65
C TRP A 99 6.81 4.18 -8.55
N GLY A 100 7.79 3.95 -9.44
CA GLY A 100 7.64 2.89 -10.44
C GLY A 100 7.23 3.37 -11.81
N GLN A 101 6.73 4.61 -11.92
CA GLN A 101 6.52 5.19 -13.24
C GLN A 101 7.15 6.55 -13.48
N THR A 102 7.48 7.32 -12.43
CA THR A 102 8.17 8.57 -12.68
C THR A 102 9.53 8.31 -13.32
N ASN A 103 10.02 9.25 -14.12
CA ASN A 103 11.37 9.12 -14.67
C ASN A 103 12.45 9.03 -13.59
N GLU A 104 12.27 9.75 -12.47
CA GLU A 104 13.30 9.76 -11.43
C GLU A 104 13.36 8.36 -10.77
N SER A 105 12.21 7.69 -10.64
CA SER A 105 12.15 6.37 -9.99
C SER A 105 12.64 5.27 -10.91
N ILE A 106 12.28 5.38 -12.16
CA ILE A 106 12.78 4.42 -13.18
C ILE A 106 14.32 4.42 -13.25
N ARG A 107 14.92 5.60 -13.21
CA ARG A 107 16.37 5.75 -13.25
C ARG A 107 16.99 4.95 -12.09
N ILE A 108 16.41 5.12 -10.91
CA ILE A 108 16.85 4.48 -9.70
C ILE A 108 16.77 2.96 -9.81
N HIS A 109 15.64 2.46 -10.33
CA HIS A 109 15.46 1.03 -10.51
C HIS A 109 16.47 0.45 -11.53
N GLN A 110 16.74 1.18 -12.60
CA GLN A 110 17.52 0.63 -13.74
C GLN A 110 19.03 0.77 -13.63
N ARG A 111 19.50 1.55 -12.66
CA ARG A 111 20.92 1.91 -12.57
C ARG A 111 21.84 0.68 -12.69
N THR A 112 21.53 -0.38 -11.97
CA THR A 112 22.44 -1.56 -11.84
C THR A 112 21.86 -2.82 -12.49
N MET A 113 20.75 -2.67 -13.15
CA MET A 113 20.05 -3.78 -13.72
C MET A 113 20.94 -4.56 -14.71
N THR A 114 21.01 -5.87 -14.51
CA THR A 114 21.76 -6.78 -15.39
C THR A 114 21.06 -7.01 -16.75
N GLU A 115 21.84 -7.39 -17.76
CA GLU A 115 21.28 -7.66 -19.10
C GLU A 115 20.27 -8.78 -19.03
N LYS A 116 20.58 -9.76 -18.22
CA LYS A 116 19.72 -10.89 -17.94
C LYS A 116 18.34 -10.48 -17.37
N THR A 117 18.36 -9.58 -16.40
CA THR A 117 17.13 -9.02 -15.87
C THR A 117 16.34 -8.22 -16.92
N LYS A 118 17.04 -7.43 -17.74
CA LYS A 118 16.39 -6.64 -18.78
C LYS A 118 15.67 -7.55 -19.77
N LYS A 119 16.31 -8.68 -20.03
CA LYS A 119 15.78 -9.66 -20.97
C LYS A 119 14.50 -10.31 -20.42
N GLN A 120 14.56 -10.66 -19.14
CA GLN A 120 13.44 -11.22 -18.40
C GLN A 120 12.27 -10.24 -18.39
N LEU A 121 12.53 -9.01 -17.97
CA LEU A 121 11.46 -8.02 -17.88
C LEU A 121 10.82 -7.78 -19.28
N ALA A 122 11.65 -7.58 -20.28
CA ALA A 122 11.21 -7.39 -21.67
C ALA A 122 10.24 -8.49 -22.13
N ALA A 123 10.60 -9.74 -21.85
CA ALA A 123 9.80 -10.89 -22.25
C ALA A 123 8.45 -10.93 -21.58
N ASN A 124 8.32 -10.17 -20.49
CA ASN A 124 7.12 -10.10 -19.71
C ASN A 124 6.49 -8.72 -19.81
N GLY A 125 6.93 -7.94 -20.79
CA GLY A 125 6.33 -6.65 -21.06
C GLY A 125 6.42 -5.66 -19.93
N LYS A 126 7.57 -5.68 -19.28
CA LYS A 126 7.87 -4.74 -18.21
C LYS A 126 9.22 -4.07 -18.46
N LYS A 127 9.34 -2.86 -17.91
CA LYS A 127 10.57 -2.05 -17.90
C LYS A 127 11.37 -2.20 -16.59
N ILE A 128 10.64 -2.43 -15.50
CA ILE A 128 11.15 -2.59 -14.15
C ILE A 128 10.25 -3.61 -13.43
N HIS A 129 10.71 -4.13 -12.32
CA HIS A 129 9.90 -5.05 -11.50
C HIS A 129 8.84 -4.24 -10.79
N ASP A 130 7.69 -4.86 -10.52
CA ASP A 130 6.57 -4.25 -9.76
C ASP A 130 6.21 -5.03 -8.49
N ASN A 131 7.17 -5.81 -7.99
CA ASN A 131 7.02 -6.49 -6.72
C ASN A 131 8.37 -6.68 -6.04
N GLY A 132 8.27 -6.89 -4.75
CA GLY A 132 9.44 -7.21 -3.92
C GLY A 132 9.00 -7.84 -2.63
N ASP A 133 9.99 -8.33 -1.86
CA ASP A 133 9.74 -9.02 -0.60
C ASP A 133 10.79 -8.51 0.40
N LEU A 134 10.37 -7.55 1.21
CA LEU A 134 11.23 -6.68 2.01
C LEU A 134 11.17 -7.12 3.47
N HIS A 135 12.21 -7.81 3.93
CA HIS A 135 12.22 -8.43 5.28
C HIS A 135 12.87 -7.62 6.42
N HIS A 136 13.95 -6.90 6.08
CA HIS A 136 14.88 -6.33 7.05
C HIS A 136 15.01 -4.87 6.77
N VAL A 137 14.81 -4.01 7.78
CA VAL A 137 15.01 -2.60 7.59
C VAL A 137 15.99 -2.17 8.68
N HIS A 138 17.15 -1.61 8.33
CA HIS A 138 18.15 -1.22 9.33
C HIS A 138 18.71 0.14 9.03
N MET A 139 19.07 0.89 10.05
CA MET A 139 19.61 2.22 9.90
C MET A 139 21.16 2.18 9.90
N SER A 140 21.75 3.19 9.28
CA SER A 140 23.20 3.31 9.22
C SER A 140 23.75 3.62 10.63
N PHE A 141 24.97 3.16 10.87
CA PHE A 141 25.68 3.34 12.16
C PHE A 141 26.90 4.26 12.05
N THR A 142 27.15 4.96 13.15
CA THR A 142 28.44 5.57 13.45
C THR A 142 28.73 5.22 14.91
N ASP A 143 29.88 4.56 15.08
CA ASP A 143 30.46 4.18 16.37
C ASP A 143 29.46 3.38 17.23
N GLY A 144 28.83 2.37 16.63
CA GLY A 144 27.97 1.45 17.35
C GLY A 144 26.59 1.97 17.70
N LYS A 145 26.28 3.17 17.20
CA LYS A 145 24.97 3.79 17.39
C LYS A 145 24.38 4.24 16.04
N TYR A 146 23.07 4.31 15.95
CA TYR A 146 22.38 4.86 14.75
C TYR A 146 22.79 6.30 14.48
N ASP A 147 22.94 6.68 13.22
CA ASP A 147 23.34 8.03 12.87
C ASP A 147 22.36 8.84 12.03
N GLY A 148 21.23 8.24 11.69
CA GLY A 148 20.14 8.95 11.04
C GLY A 148 20.35 9.27 9.58
N ARG A 149 21.39 8.74 8.94
CA ARG A 149 21.63 9.08 7.55
C ARG A 149 20.78 8.24 6.53
N TYR A 150 20.87 6.90 6.58
CA TYR A 150 20.16 6.02 5.67
C TYR A 150 19.47 4.88 6.40
N LEU A 151 18.54 4.28 5.70
CA LEU A 151 17.94 3.04 6.03
C LEU A 151 18.20 2.09 4.84
N PHE A 152 18.39 0.83 5.20
CA PHE A 152 18.76 -0.18 4.21
C PHE A 152 17.78 -1.31 4.29
N MET A 153 17.49 -2.00 3.16
CA MET A 153 16.52 -3.06 3.16
C MET A 153 16.75 -4.01 1.98
N ASN A 154 16.22 -5.22 2.11
CA ASN A 154 16.43 -6.28 1.11
C ASN A 154 15.16 -6.53 0.25
N ASP A 155 15.32 -7.24 -0.86
CA ASP A 155 14.23 -7.80 -1.66
C ASP A 155 14.59 -9.25 -1.93
N LYS A 156 13.91 -10.17 -1.27
CA LYS A 156 14.18 -11.60 -1.49
C LYS A 156 13.59 -12.09 -2.81
N ALA A 157 12.55 -11.44 -3.29
CA ALA A 157 11.84 -11.94 -4.48
C ALA A 157 12.68 -11.77 -5.77
N ASN A 158 13.27 -10.59 -6.02
CA ASN A 158 14.03 -10.28 -7.23
C ASN A 158 15.49 -9.85 -6.99
N THR A 159 16.04 -10.18 -5.83
CA THR A 159 17.49 -10.20 -5.58
C THR A 159 18.17 -8.81 -5.63
N ARG A 160 17.66 -7.93 -4.77
CA ARG A 160 18.09 -6.57 -4.69
C ARG A 160 18.21 -6.11 -3.24
N VAL A 161 18.89 -4.99 -3.07
CA VAL A 161 18.89 -4.25 -1.82
C VAL A 161 18.70 -2.76 -2.15
N ALA A 162 18.04 -2.03 -1.24
CA ALA A 162 17.73 -0.63 -1.47
C ALA A 162 18.14 0.20 -0.29
N ARG A 163 18.42 1.46 -0.57
CA ARG A 163 18.79 2.48 0.43
C ARG A 163 17.75 3.60 0.36
N VAL A 164 17.24 4.03 1.52
CA VAL A 164 16.28 5.14 1.64
C VAL A 164 17.03 6.25 2.38
N ARG A 165 16.97 7.46 1.83
CA ARG A 165 17.50 8.64 2.46
C ARG A 165 16.58 9.10 3.59
N CYS A 166 17.13 9.29 4.78
CA CYS A 166 16.34 9.77 5.92
C CYS A 166 15.97 11.24 5.84
N ASP A 167 16.73 12.08 5.11
CA ASP A 167 16.38 13.53 5.03
C ASP A 167 15.04 13.81 4.35
N VAL A 168 14.69 12.95 3.41
CA VAL A 168 13.40 13.10 2.70
C VAL A 168 12.51 11.83 2.71
N MET A 169 12.99 10.74 3.34
CA MET A 169 12.24 9.48 3.48
C MET A 169 11.77 8.98 2.11
N LYS A 170 12.71 8.86 1.20
CA LYS A 170 12.49 8.31 -0.13
C LYS A 170 13.65 7.43 -0.52
N THR A 171 13.32 6.40 -1.30
CA THR A 171 14.29 5.47 -1.86
C THR A 171 15.20 6.24 -2.80
N ASP A 172 16.52 6.12 -2.61
CA ASP A 172 17.48 6.82 -3.45
C ASP A 172 18.41 5.92 -4.25
N ALA A 173 18.47 4.64 -3.88
CA ALA A 173 19.30 3.71 -4.64
C ALA A 173 18.77 2.29 -4.48
N ILE A 174 18.87 1.55 -5.57
CA ILE A 174 18.57 0.14 -5.61
C ILE A 174 19.77 -0.54 -6.29
N LEU A 175 20.13 -1.68 -5.73
CA LEU A 175 21.24 -2.51 -6.26
C LEU A 175 20.78 -3.93 -6.52
N GLU A 176 21.00 -4.42 -7.75
CA GLU A 176 20.74 -5.81 -8.10
C GLU A 176 22.02 -6.55 -7.80
N ILE A 177 21.97 -7.50 -6.90
CA ILE A 177 23.17 -8.24 -6.48
C ILE A 177 23.44 -9.42 -7.44
N PRO A 178 24.59 -9.42 -8.12
CA PRO A 178 24.98 -10.59 -8.94
C PRO A 178 25.41 -11.79 -8.12
N ASN A 179 25.32 -12.98 -8.73
CA ASN A 179 25.82 -14.24 -8.16
C ASN A 179 24.98 -14.87 -7.07
N ALA A 180 24.63 -14.05 -6.07
CA ALA A 180 23.83 -14.51 -4.95
C ALA A 180 22.39 -14.65 -5.42
N LYS A 181 21.64 -15.50 -4.76
CA LYS A 181 20.21 -15.67 -5.06
C LYS A 181 19.44 -15.75 -3.75
N GLY A 182 18.24 -15.19 -3.74
CA GLY A 182 17.44 -15.21 -2.53
C GLY A 182 17.96 -14.33 -1.43
N ILE A 183 18.02 -13.03 -1.68
CA ILE A 183 18.60 -12.09 -0.70
C ILE A 183 17.69 -11.93 0.51
N HIS A 184 18.09 -12.54 1.61
CA HIS A 184 17.27 -12.59 2.80
C HIS A 184 17.94 -11.80 3.96
N GLY A 185 18.78 -12.46 4.73
CA GLY A 185 19.41 -11.79 5.85
C GLY A 185 20.14 -10.55 5.33
N MET A 186 20.00 -9.43 6.02
CA MET A 186 20.75 -8.23 5.67
C MET A 186 20.91 -7.39 6.94
N ARG A 187 22.14 -6.99 7.27
CA ARG A 187 22.38 -6.09 8.41
C ARG A 187 23.64 -5.29 8.17
N PRO A 188 23.67 -4.05 8.68
CA PRO A 188 24.84 -3.22 8.45
C PRO A 188 25.99 -3.46 9.45
N GLN A 189 27.20 -3.11 9.00
CA GLN A 189 28.35 -3.00 9.85
C GLN A 189 28.07 -1.95 10.90
N LYS A 190 28.51 -2.21 12.13
CA LYS A 190 28.17 -1.32 13.26
C LYS A 190 29.32 -0.35 13.59
N TRP A 191 30.55 -0.78 13.35
CA TRP A 191 31.76 -0.09 13.85
C TRP A 191 32.92 -0.19 12.83
N PRO A 192 33.63 0.93 12.56
CA PRO A 192 33.48 2.29 13.12
C PRO A 192 32.28 3.03 12.56
N ARG A 193 31.83 2.61 11.38
CA ARG A 193 30.56 3.09 10.76
C ARG A 193 30.10 2.02 9.78
N SER A 194 28.92 2.22 9.23
CA SER A 194 28.37 1.33 8.22
C SER A 194 29.07 1.56 6.88
N ASN A 195 30.33 1.14 6.79
CA ASN A 195 31.03 1.11 5.50
C ASN A 195 30.43 0.03 4.58
N TYR A 196 30.07 -1.10 5.19
CA TYR A 196 29.38 -2.20 4.56
C TYR A 196 27.97 -2.44 5.05
N VAL A 197 27.12 -2.94 4.15
CA VAL A 197 25.89 -3.62 4.49
C VAL A 197 26.08 -5.04 4.00
N PHE A 198 25.90 -5.99 4.90
CA PHE A 198 26.16 -7.40 4.64
C PHE A 198 24.84 -8.05 4.24
N CYS A 199 24.85 -8.92 3.23
CA CYS A 199 23.66 -9.69 2.91
C CYS A 199 23.89 -11.10 2.40
N ASN A 200 22.92 -11.95 2.71
CA ASN A 200 22.99 -13.38 2.55
C ASN A 200 22.22 -13.82 1.32
N GLY A 201 22.83 -14.67 0.52
CA GLY A 201 22.09 -15.46 -0.46
C GLY A 201 21.51 -16.71 0.20
N GLU A 202 20.20 -16.76 0.35
CA GLU A 202 19.55 -17.96 0.94
C GLU A 202 19.45 -19.18 0.00
N ASP A 203 19.25 -18.92 -1.28
CA ASP A 203 18.98 -19.96 -2.27
C ASP A 203 20.27 -20.47 -2.90
N GLU A 204 20.33 -21.77 -3.08
CA GLU A 204 21.51 -22.46 -3.61
C GLU A 204 21.41 -22.49 -5.15
N ALA A 205 22.45 -22.08 -5.87
CA ALA A 205 22.42 -22.19 -7.35
C ALA A 205 23.84 -22.14 -7.92
N PRO A 206 24.02 -22.59 -9.18
CA PRO A 206 25.33 -22.40 -9.80
C PRO A 206 25.62 -20.93 -10.08
N LEU A 207 26.90 -20.57 -10.09
CA LEU A 207 27.29 -19.16 -10.38
C LEU A 207 27.19 -18.76 -11.87
N VAL A 208 27.55 -19.66 -12.76
CA VAL A 208 27.24 -19.47 -14.16
C VAL A 208 25.91 -20.22 -14.31
N ASN A 209 24.83 -19.51 -14.04
CA ASN A 209 23.50 -20.13 -14.05
C ASN A 209 22.85 -20.02 -15.43
N ASP A 210 23.41 -20.74 -16.41
CA ASP A 210 22.97 -20.63 -17.79
C ASP A 210 22.23 -21.87 -18.28
N GLY A 211 21.87 -22.74 -17.33
CA GLY A 211 21.23 -24.01 -17.64
C GLY A 211 22.16 -25.21 -17.84
N SER A 212 23.46 -25.01 -17.88
CA SER A 212 24.39 -26.10 -18.28
C SER A 212 24.60 -27.18 -17.20
N THR A 213 24.55 -26.79 -15.92
CA THR A 213 24.71 -27.71 -14.80
C THR A 213 23.59 -27.58 -13.76
N MET A 214 22.44 -27.03 -14.19
CA MET A 214 21.37 -26.66 -13.25
C MET A 214 20.86 -27.82 -12.42
N THR A 215 20.92 -29.04 -12.92
CA THR A 215 20.40 -30.17 -12.15
C THR A 215 21.46 -30.84 -11.28
N ASP A 216 22.72 -30.42 -11.43
CA ASP A 216 23.84 -30.99 -10.68
C ASP A 216 24.09 -30.17 -9.42
N VAL A 217 23.52 -30.64 -8.31
CA VAL A 217 23.59 -29.93 -7.03
C VAL A 217 25.04 -29.68 -6.59
N ALA A 218 25.95 -30.57 -7.01
CA ALA A 218 27.36 -30.40 -6.67
C ALA A 218 27.95 -29.08 -7.18
N THR A 219 27.34 -28.48 -8.22
CA THR A 219 27.79 -27.19 -8.76
C THR A 219 27.13 -25.97 -8.11
N TYR A 220 26.28 -26.20 -7.13
CA TYR A 220 25.56 -25.10 -6.48
C TYR A 220 26.48 -24.49 -5.45
N VAL A 221 26.32 -23.19 -5.26
CA VAL A 221 26.97 -22.50 -4.19
C VAL A 221 26.08 -21.44 -3.56
N ASN A 222 26.47 -20.99 -2.38
CA ASN A 222 25.89 -19.83 -1.74
C ASN A 222 26.91 -18.72 -1.58
N ILE A 223 26.41 -17.48 -1.63
CA ILE A 223 27.23 -16.25 -1.66
C ILE A 223 26.85 -15.29 -0.56
N PHE A 224 27.86 -14.88 0.21
CA PHE A 224 27.73 -13.78 1.20
C PHE A 224 28.30 -12.51 0.55
N THR A 225 27.59 -11.39 0.70
CA THR A 225 27.94 -10.16 -0.02
C THR A 225 28.13 -8.97 0.95
N ALA A 226 29.17 -8.18 0.72
CA ALA A 226 29.35 -6.91 1.36
C ALA A 226 29.09 -5.86 0.32
N VAL A 227 28.14 -4.97 0.62
CA VAL A 227 27.82 -3.85 -0.20
C VAL A 227 28.46 -2.59 0.38
N ASP A 228 29.07 -1.80 -0.49
CA ASP A 228 29.65 -0.51 -0.19
C ASP A 228 28.44 0.42 0.05
N ALA A 229 28.24 0.81 1.30
CA ALA A 229 27.01 1.51 1.68
C ALA A 229 26.96 2.94 1.15
N ASP A 230 28.09 3.49 0.73
CA ASP A 230 28.17 4.87 0.23
C ASP A 230 27.87 4.94 -1.26
N LYS A 231 28.51 4.10 -2.05
CA LYS A 231 28.28 4.03 -3.50
C LYS A 231 27.04 3.20 -3.91
N TRP A 232 26.60 2.32 -3.00
CA TRP A 232 25.52 1.37 -3.24
C TRP A 232 25.87 0.47 -4.42
N GLU A 233 27.00 -0.20 -4.25
CA GLU A 233 27.56 -1.13 -5.22
C GLU A 233 28.19 -2.26 -4.41
N VAL A 234 28.38 -3.41 -5.05
CA VAL A 234 28.95 -4.56 -4.35
C VAL A 234 30.43 -4.27 -4.08
N ALA A 235 30.87 -4.49 -2.85
CA ALA A 235 32.29 -4.41 -2.50
C ALA A 235 33.05 -5.71 -2.81
N TRP A 236 32.52 -6.81 -2.29
CA TRP A 236 33.07 -8.13 -2.52
C TRP A 236 32.07 -9.22 -2.10
N GLN A 237 32.37 -10.44 -2.45
CA GLN A 237 31.62 -11.63 -2.07
C GLN A 237 32.49 -12.80 -1.64
N VAL A 238 31.90 -13.71 -0.85
CA VAL A 238 32.55 -14.87 -0.31
C VAL A 238 31.68 -16.08 -0.64
N LYS A 239 32.25 -17.05 -1.33
CA LYS A 239 31.58 -18.36 -1.49
C LYS A 239 31.56 -19.09 -0.18
N VAL A 240 30.43 -19.67 0.18
CA VAL A 240 30.30 -20.46 1.40
C VAL A 240 29.70 -21.85 1.19
N SER A 241 29.98 -22.71 2.17
CA SER A 241 29.41 -24.04 2.26
C SER A 241 28.06 -23.93 3.01
N GLY A 242 27.01 -24.53 2.43
CA GLY A 242 25.67 -24.47 3.01
C GLY A 242 25.03 -23.13 2.73
N ASN A 243 23.73 -23.02 2.98
CA ASN A 243 23.04 -21.80 2.69
C ASN A 243 23.24 -20.72 3.79
N LEU A 244 22.58 -19.59 3.61
CA LEU A 244 22.78 -18.45 4.49
C LEU A 244 21.38 -17.93 4.80
N ASP A 245 21.06 -17.85 6.08
CA ASP A 245 19.74 -17.41 6.55
C ASP A 245 19.79 -15.94 7.01
N ASN A 246 20.00 -15.69 8.30
CA ASN A 246 20.09 -14.33 8.86
C ASN A 246 21.55 -14.01 9.17
N CYS A 247 21.85 -12.74 9.34
CA CYS A 247 23.21 -12.32 9.56
C CYS A 247 23.27 -11.11 10.47
N ASP A 248 24.42 -10.93 11.11
CA ASP A 248 24.67 -9.73 11.93
C ASP A 248 26.20 -9.42 11.89
N ALA A 249 26.57 -8.38 12.61
CA ALA A 249 27.95 -7.92 12.70
C ALA A 249 28.29 -7.60 14.16
N ASP A 250 29.59 -7.53 14.43
CA ASP A 250 30.12 -7.30 15.77
C ASP A 250 30.20 -5.79 16.05
N TYR A 251 30.71 -5.42 17.23
CA TYR A 251 30.83 -4.01 17.60
C TYR A 251 32.23 -3.44 17.43
N GLU A 252 33.12 -4.21 16.79
CA GLU A 252 34.45 -3.71 16.49
C GLU A 252 34.84 -3.73 15.02
N GLY A 253 33.94 -4.18 14.15
CA GLY A 253 34.17 -4.23 12.74
C GLY A 253 35.09 -5.38 12.33
N LYS A 254 35.33 -6.31 13.23
CA LYS A 254 36.19 -7.44 12.92
C LYS A 254 35.45 -8.51 12.17
N TRP A 255 34.15 -8.62 12.45
CA TRP A 255 33.37 -9.80 12.03
C TRP A 255 32.01 -9.49 11.38
N ALA A 256 31.60 -10.41 10.52
CA ALA A 256 30.17 -10.64 10.23
C ALA A 256 29.89 -12.13 10.50
N PHE A 257 28.64 -12.47 10.66
CA PHE A 257 28.26 -13.84 10.90
C PHE A 257 26.87 -14.12 10.36
N SER A 258 26.67 -15.35 9.89
CA SER A 258 25.41 -15.78 9.34
C SER A 258 25.06 -17.19 9.77
N THR A 259 23.76 -17.42 9.99
CA THR A 259 23.26 -18.75 10.27
C THR A 259 23.00 -19.47 8.96
N SER A 260 23.00 -20.80 9.05
CA SER A 260 22.74 -21.70 7.90
C SER A 260 21.75 -22.74 8.39
N TYR A 261 20.65 -22.97 7.67
CA TYR A 261 19.72 -24.06 8.00
C TYR A 261 19.86 -25.25 7.07
N ASN A 262 20.53 -25.04 5.94
CA ASN A 262 20.71 -26.08 4.95
C ASN A 262 22.18 -26.34 4.72
N SER A 263 22.88 -26.70 5.80
CA SER A 263 24.28 -27.09 5.64
C SER A 263 24.38 -28.35 4.81
N GLU A 264 23.25 -29.08 4.75
CA GLU A 264 23.17 -30.33 3.95
C GLU A 264 23.21 -30.10 2.43
N MET A 265 22.88 -28.90 2.00
CA MET A 265 22.64 -28.63 0.58
C MET A 265 21.60 -29.62 0.08
N GLY A 266 20.55 -29.80 0.88
CA GLY A 266 19.40 -30.60 0.51
C GLY A 266 18.44 -29.80 -0.35
N MET A 267 17.71 -30.50 -1.22
CA MET A 267 16.75 -29.82 -2.10
C MET A 267 15.30 -30.04 -1.67
N THR A 268 15.11 -30.77 -0.58
CA THR A 268 13.77 -31.05 -0.07
C THR A 268 13.76 -30.86 1.42
N LEU A 269 12.58 -30.62 1.97
CA LEU A 269 12.48 -30.48 3.43
C LEU A 269 13.23 -31.59 4.20
N GLU A 270 13.04 -32.84 3.82
CA GLU A 270 13.67 -33.92 4.55
C GLU A 270 15.20 -33.83 4.46
N GLU A 271 15.75 -33.47 3.30
CA GLU A 271 17.20 -33.36 3.14
C GLU A 271 17.76 -32.13 3.86
N MET A 272 16.96 -31.05 3.90
CA MET A 272 17.33 -29.81 4.61
C MET A 272 17.33 -29.92 6.15
N THR A 273 16.70 -30.96 6.66
CA THR A 273 16.57 -31.20 8.10
C THR A 273 17.21 -32.54 8.52
N LYS A 274 18.05 -33.14 7.67
CA LYS A 274 18.62 -34.47 7.97
C LYS A 274 19.72 -34.36 9.02
N SER A 275 20.58 -33.34 8.95
CA SER A 275 21.71 -33.23 9.88
C SER A 275 21.28 -32.86 11.29
N GLU A 276 22.01 -33.35 12.28
CA GLU A 276 21.74 -33.00 13.69
C GLU A 276 22.13 -31.56 14.00
N MET A 277 23.12 -31.06 13.27
CA MET A 277 23.53 -29.68 13.40
C MET A 277 23.81 -29.03 12.07
N ASP A 278 23.55 -27.74 12.04
CA ASP A 278 23.98 -26.92 10.94
C ASP A 278 25.13 -26.05 11.48
N HIS A 279 25.18 -24.78 11.14
CA HIS A 279 26.28 -23.92 11.61
C HIS A 279 25.95 -22.45 11.55
N VAL A 280 26.78 -21.70 12.26
CA VAL A 280 27.02 -20.30 12.04
C VAL A 280 28.40 -20.15 11.37
N VAL A 281 28.45 -19.38 10.29
CA VAL A 281 29.68 -19.04 9.59
C VAL A 281 30.11 -17.67 10.07
N VAL A 282 31.37 -17.60 10.51
CA VAL A 282 31.99 -16.37 10.92
C VAL A 282 32.91 -15.88 9.81
N PHE A 283 32.71 -14.65 9.40
CA PHE A 283 33.48 -13.95 8.35
C PHE A 283 34.54 -13.04 8.96
N ASN A 284 35.78 -13.27 8.55
CA ASN A 284 36.94 -12.53 9.02
C ASN A 284 37.19 -11.32 8.08
N ILE A 285 36.61 -10.20 8.45
CA ILE A 285 36.57 -9.02 7.58
C ILE A 285 38.02 -8.57 7.22
N ALA A 286 38.95 -8.54 8.18
CA ALA A 286 40.32 -8.13 7.92
C ALA A 286 41.00 -8.99 6.85
N GLU A 287 40.79 -10.30 6.93
CA GLU A 287 41.49 -11.22 6.02
C GLU A 287 40.86 -11.09 4.62
N ILE A 288 39.56 -10.88 4.59
CA ILE A 288 38.87 -10.71 3.31
C ILE A 288 39.39 -9.48 2.62
N GLU A 289 39.46 -8.36 3.34
CA GLU A 289 39.96 -7.11 2.79
C GLU A 289 41.44 -7.22 2.36
N LYS A 290 42.27 -7.88 3.16
CA LYS A 290 43.67 -8.16 2.82
C LYS A 290 43.73 -8.81 1.44
N ALA A 291 42.88 -9.82 1.21
CA ALA A 291 42.84 -10.58 -0.05
C ALA A 291 42.43 -9.70 -1.23
N ILE A 292 41.40 -8.89 -1.01
CA ILE A 292 40.98 -7.99 -2.08
C ILE A 292 42.07 -6.98 -2.44
N LYS A 293 42.75 -6.42 -1.46
CA LYS A 293 43.76 -5.44 -1.73
C LYS A 293 44.97 -6.02 -2.39
N ALA A 294 45.12 -7.35 -2.27
CA ALA A 294 46.24 -8.09 -2.84
C ALA A 294 45.90 -8.78 -4.15
N GLY A 295 44.71 -8.55 -4.69
CA GLY A 295 44.34 -9.22 -5.94
C GLY A 295 44.03 -10.69 -5.84
N GLN A 296 43.88 -11.22 -4.62
CA GLN A 296 43.61 -12.65 -4.43
CA GLN A 296 43.60 -12.64 -4.38
C GLN A 296 42.11 -12.92 -4.43
N TYR A 297 41.53 -12.81 -5.63
CA TYR A 297 40.10 -13.03 -5.83
C TYR A 297 39.88 -13.35 -7.29
N GLU A 298 38.70 -13.90 -7.59
CA GLU A 298 38.24 -14.09 -8.98
C GLU A 298 37.20 -13.04 -9.27
N GLU A 299 37.18 -12.51 -10.48
CA GLU A 299 36.08 -11.65 -10.91
C GLU A 299 34.98 -12.51 -11.54
N ILE A 300 33.77 -12.39 -11.02
CA ILE A 300 32.66 -13.21 -11.49
C ILE A 300 31.44 -12.31 -11.63
N ASN A 301 30.93 -12.17 -12.86
CA ASN A 301 29.78 -11.30 -13.08
C ASN A 301 30.05 -9.87 -12.59
N GLY A 302 31.31 -9.46 -12.79
CA GLY A 302 31.79 -8.13 -12.47
C GLY A 302 32.10 -7.84 -11.01
N VAL A 303 32.05 -8.85 -10.15
CA VAL A 303 32.36 -8.61 -8.74
C VAL A 303 33.49 -9.52 -8.24
N LYS A 304 34.20 -9.01 -7.23
CA LYS A 304 35.38 -9.66 -6.68
C LYS A 304 34.89 -10.69 -5.69
N VAL A 305 35.24 -11.94 -5.92
CA VAL A 305 34.78 -13.05 -5.10
C VAL A 305 35.96 -13.88 -4.57
N VAL A 306 35.91 -14.18 -3.27
CA VAL A 306 36.82 -15.10 -2.61
C VAL A 306 36.13 -16.39 -2.19
N ASP A 307 36.89 -17.44 -2.02
CA ASP A 307 36.34 -18.71 -1.68
C ASP A 307 36.52 -19.03 -0.20
N GLY A 308 35.38 -19.02 0.49
CA GLY A 308 35.28 -19.33 1.92
C GLY A 308 34.66 -20.68 2.25
N ARG A 309 34.57 -21.55 1.25
CA ARG A 309 34.03 -22.86 1.48
C ARG A 309 34.94 -23.69 2.38
N LYS A 310 34.35 -24.62 3.13
CA LYS A 310 35.09 -25.45 4.07
C LYS A 310 36.31 -26.06 3.40
N GLU A 311 36.15 -26.54 2.17
CA GLU A 311 37.25 -27.27 1.53
C GLU A 311 38.45 -26.39 1.15
N ALA A 312 38.25 -25.08 1.06
CA ALA A 312 39.32 -24.11 0.77
C ALA A 312 40.30 -23.96 1.90
N LYS A 313 39.93 -24.34 3.13
CA LYS A 313 40.77 -24.13 4.31
C LYS A 313 41.33 -22.69 4.36
N SER A 314 40.49 -21.70 4.09
CA SER A 314 40.90 -20.27 4.00
C SER A 314 40.94 -19.62 5.37
N LEU A 315 41.42 -18.38 5.43
CA LEU A 315 41.32 -17.56 6.64
C LEU A 315 40.13 -16.64 6.60
N PHE A 316 39.23 -16.83 5.65
CA PHE A 316 38.08 -15.93 5.50
C PHE A 316 36.89 -16.29 6.38
N THR A 317 36.77 -17.58 6.71
CA THR A 317 35.58 -18.15 7.34
C THR A 317 35.92 -19.21 8.36
N ARG A 318 35.09 -19.32 9.39
CA ARG A 318 35.09 -20.45 10.31
C ARG A 318 33.64 -20.85 10.52
N TYR A 319 33.40 -22.16 10.57
CA TYR A 319 32.06 -22.77 10.70
C TYR A 319 31.97 -23.36 12.11
N ILE A 320 30.99 -22.86 12.87
CA ILE A 320 30.75 -23.32 14.24
C ILE A 320 29.45 -24.12 14.20
N PRO A 321 29.52 -25.41 14.51
CA PRO A 321 28.24 -26.18 14.49
C PRO A 321 27.19 -25.70 15.50
N ILE A 322 25.93 -25.68 15.06
CA ILE A 322 24.78 -25.18 15.84
C ILE A 322 23.51 -25.98 15.48
N ALA A 323 22.75 -26.41 16.48
CA ALA A 323 21.51 -27.13 16.24
C ALA A 323 20.36 -26.11 16.25
N ASN A 324 19.34 -26.22 15.39
CA ASN A 324 19.16 -27.21 14.34
C ASN A 324 18.22 -26.52 13.36
N ASN A 325 18.68 -26.34 12.13
CA ASN A 325 18.12 -25.36 11.21
C ASN A 325 18.00 -23.97 11.95
N PRO A 326 19.11 -23.48 12.54
CA PRO A 326 19.07 -22.22 13.30
C PRO A 326 18.64 -21.08 12.42
N HIS A 327 18.12 -20.04 13.06
CA HIS A 327 17.45 -18.99 12.34
C HIS A 327 18.03 -17.60 12.71
N GLY A 328 17.51 -16.99 13.77
CA GLY A 328 18.03 -15.70 14.24
C GLY A 328 19.49 -15.70 14.59
N CYS A 329 20.13 -14.60 14.24
CA CYS A 329 21.56 -14.38 14.47
C CYS A 329 21.64 -12.94 15.03
N ASN A 330 21.69 -12.81 16.37
CA ASN A 330 21.48 -11.50 16.99
C ASN A 330 22.61 -11.08 17.97
N MET A 331 23.31 -10.00 17.65
CA MET A 331 24.46 -9.51 18.43
C MET A 331 24.00 -8.63 19.60
N ALA A 332 24.50 -8.95 20.80
CA ALA A 332 24.05 -8.32 22.05
C ALA A 332 24.78 -6.97 22.26
N PRO A 333 24.08 -5.98 22.86
CA PRO A 333 24.67 -4.65 23.09
C PRO A 333 25.81 -4.63 24.09
N ASP A 334 26.06 -5.73 24.77
CA ASP A 334 27.23 -5.88 25.66
C ASP A 334 28.57 -6.03 24.89
N ARG A 335 28.47 -6.16 23.56
CA ARG A 335 29.58 -6.14 22.61
C ARG A 335 30.38 -7.45 22.57
N LYS A 336 29.95 -8.45 23.35
CA LYS A 336 30.67 -9.74 23.48
C LYS A 336 29.84 -10.90 22.96
N HIS A 337 28.52 -10.88 23.16
CA HIS A 337 27.73 -12.09 22.95
C HIS A 337 26.80 -12.08 21.76
N LEU A 338 26.92 -13.14 20.97
CA LEU A 338 26.10 -13.39 19.83
C LEU A 338 25.12 -14.50 20.16
N CYS A 339 23.82 -14.24 20.02
CA CYS A 339 22.76 -15.21 20.30
C CYS A 339 22.16 -15.81 19.03
N VAL A 340 22.24 -17.12 18.91
CA VAL A 340 21.80 -17.82 17.71
C VAL A 340 20.60 -18.68 18.08
N ALA A 341 19.49 -18.43 17.40
CA ALA A 341 18.24 -19.07 17.79
C ALA A 341 18.12 -20.46 17.15
N GLY A 342 17.80 -21.47 17.97
CA GLY A 342 17.86 -22.88 17.55
C GLY A 342 16.76 -23.43 16.64
N LYS A 343 15.65 -22.73 16.50
CA LYS A 343 14.45 -23.17 15.75
C LYS A 343 14.04 -24.62 16.06
N LEU A 344 14.59 -25.60 15.34
CA LEU A 344 14.17 -26.99 15.60
C LEU A 344 14.76 -27.52 16.90
N SER A 345 15.79 -26.85 17.40
CA SER A 345 16.33 -27.11 18.74
C SER A 345 15.73 -26.07 19.71
N PRO A 346 15.31 -26.49 20.92
CA PRO A 346 14.59 -25.55 21.84
C PRO A 346 15.53 -24.68 22.69
N THR A 347 16.55 -24.13 22.03
CA THR A 347 17.67 -23.50 22.71
C THR A 347 18.06 -22.23 21.96
N VAL A 348 18.82 -21.38 22.64
CA VAL A 348 19.61 -20.36 21.97
C VAL A 348 21.05 -20.72 22.29
N THR A 349 21.92 -20.69 21.29
CA THR A 349 23.34 -20.89 21.51
C THR A 349 23.97 -19.52 21.60
N VAL A 350 24.67 -19.25 22.70
CA VAL A 350 25.37 -17.96 22.94
C VAL A 350 26.87 -18.13 22.64
N LEU A 351 27.41 -17.28 21.78
CA LEU A 351 28.83 -17.33 21.41
C LEU A 351 29.52 -16.07 21.93
N ASP A 352 30.74 -16.22 22.41
CA ASP A 352 31.55 -15.09 22.80
C ASP A 352 32.41 -14.70 21.60
N VAL A 353 32.09 -13.56 21.00
CA VAL A 353 32.83 -13.14 19.77
C VAL A 353 34.31 -12.86 20.03
N THR A 354 34.68 -12.57 21.28
CA THR A 354 36.09 -12.40 21.66
C THR A 354 36.87 -13.73 21.61
N LYS A 355 36.17 -14.85 21.44
CA LYS A 355 36.83 -16.16 21.27
C LYS A 355 37.00 -16.55 19.80
N PHE A 356 36.55 -15.69 18.88
CA PHE A 356 36.65 -16.00 17.44
C PHE A 356 38.07 -15.94 16.88
N ASP A 357 38.90 -15.01 17.37
CA ASP A 357 40.27 -14.87 16.85
C ASP A 357 41.00 -16.20 16.98
N ALA A 358 40.85 -16.86 18.13
CA ALA A 358 41.59 -18.11 18.37
C ALA A 358 41.18 -19.19 17.39
N LEU A 359 39.92 -19.15 16.89
CA LEU A 359 39.47 -20.12 15.88
C LEU A 359 40.26 -19.96 14.58
N PHE A 360 40.63 -18.73 14.24
CA PHE A 360 41.36 -18.46 13.00
C PHE A 360 42.87 -18.60 13.15
N TYR A 361 43.41 -18.15 14.29
CA TYR A 361 44.85 -17.93 14.45
C TYR A 361 45.54 -18.81 15.49
N ASP A 362 44.77 -19.56 16.26
CA ASP A 362 45.31 -20.33 17.39
C ASP A 362 44.77 -21.75 17.39
N ASN A 363 44.20 -22.17 16.26
CA ASN A 363 43.74 -23.53 16.08
C ASN A 363 42.65 -24.03 17.08
N ALA A 364 41.87 -23.12 17.65
CA ALA A 364 40.86 -23.51 18.63
C ALA A 364 39.75 -24.31 17.96
N GLU A 365 39.09 -25.18 18.72
CA GLU A 365 37.97 -25.95 18.19
C GLU A 365 36.76 -24.99 18.07
N PRO A 366 35.94 -25.15 17.02
CA PRO A 366 34.80 -24.23 16.82
C PRO A 366 33.86 -24.05 18.02
N ARG A 367 33.43 -25.14 18.65
CA ARG A 367 32.49 -25.00 19.77
C ARG A 367 33.15 -24.34 20.99
N SER A 368 34.46 -24.12 20.96
CA SER A 368 35.13 -23.35 22.01
C SER A 368 34.56 -21.93 22.16
N ALA A 369 33.91 -21.38 21.13
CA ALA A 369 33.32 -20.03 21.25
C ALA A 369 31.96 -20.04 21.93
N VAL A 370 31.43 -21.22 22.25
CA VAL A 370 30.11 -21.35 22.89
C VAL A 370 30.25 -21.22 24.40
N VAL A 371 29.48 -20.28 24.95
CA VAL A 371 29.53 -19.96 26.35
C VAL A 371 28.19 -20.17 27.10
N ALA A 372 27.10 -20.45 26.38
CA ALA A 372 25.84 -20.85 26.99
C ALA A 372 24.96 -21.50 25.94
N GLU A 373 24.02 -22.34 26.38
CA GLU A 373 23.03 -22.91 25.46
C GLU A 373 21.74 -23.27 26.21
N PRO A 374 21.05 -22.24 26.75
CA PRO A 374 19.86 -22.45 27.59
C PRO A 374 18.70 -23.07 26.83
N GLU A 375 18.02 -24.06 27.43
CA GLU A 375 16.75 -24.55 26.89
C GLU A 375 15.66 -23.58 27.29
N LEU A 376 15.08 -22.93 26.29
CA LEU A 376 14.14 -21.85 26.57
C LEU A 376 12.71 -22.25 26.23
N GLY A 377 12.54 -23.15 25.25
CA GLY A 377 11.23 -23.63 24.83
C GLY A 377 11.15 -23.91 23.35
N LEU A 378 9.94 -24.22 22.88
CA LEU A 378 9.74 -24.72 21.52
C LEU A 378 9.70 -23.64 20.44
N GLY A 379 10.66 -23.75 19.53
CA GLY A 379 10.66 -22.94 18.33
C GLY A 379 11.27 -21.55 18.49
N PRO A 380 12.43 -21.42 19.16
CA PRO A 380 13.04 -20.07 19.21
C PRO A 380 13.51 -19.59 17.84
N LEU A 381 13.07 -18.38 17.44
CA LEU A 381 13.38 -17.81 16.12
C LEU A 381 14.33 -16.61 16.17
N HIS A 382 14.09 -15.69 17.10
CA HIS A 382 14.85 -14.43 17.16
C HIS A 382 15.01 -13.99 18.60
N THR A 383 16.03 -13.15 18.82
CA THR A 383 16.32 -12.63 20.13
C THR A 383 16.53 -11.11 20.05
N ALA A 384 15.97 -10.39 21.04
CA ALA A 384 16.21 -8.93 21.19
C ALA A 384 16.78 -8.64 22.59
N PHE A 385 17.33 -7.44 22.78
CA PHE A 385 18.15 -7.14 23.97
C PHE A 385 17.77 -5.83 24.58
N ASP A 386 17.62 -5.79 25.91
CA ASP A 386 17.45 -4.50 26.56
C ASP A 386 18.84 -3.94 26.97
N GLY A 387 18.84 -2.86 27.75
CA GLY A 387 20.08 -2.28 28.22
C GLY A 387 20.55 -2.78 29.58
N ARG A 388 19.98 -3.90 30.04
CA ARG A 388 20.20 -4.44 31.38
C ARG A 388 20.73 -5.89 31.35
N GLY A 389 21.20 -6.31 30.18
CA GLY A 389 21.84 -7.59 30.02
C GLY A 389 20.84 -8.71 29.83
N ASN A 390 19.57 -8.35 29.62
CA ASN A 390 18.52 -9.34 29.35
C ASN A 390 18.32 -9.53 27.87
N ALA A 391 17.89 -10.74 27.54
CA ALA A 391 17.50 -11.15 26.21
C ALA A 391 16.05 -11.53 26.21
N TYR A 392 15.39 -11.30 25.08
CA TYR A 392 13.98 -11.62 24.86
C TYR A 392 13.91 -12.46 23.58
N THR A 393 13.43 -13.70 23.68
CA THR A 393 13.44 -14.65 22.55
C THR A 393 12.00 -15.10 22.17
N SER A 394 11.67 -15.00 20.89
CA SER A 394 10.37 -15.48 20.36
C SER A 394 10.40 -17.01 20.31
N LEU A 395 9.38 -17.63 20.87
CA LEU A 395 9.17 -19.07 20.78
C LEU A 395 7.97 -19.27 19.86
N PHE A 396 8.24 -19.65 18.62
CA PHE A 396 7.19 -19.72 17.60
C PHE A 396 6.11 -20.75 18.00
N LEU A 397 6.55 -21.93 18.41
CA LEU A 397 5.66 -23.07 18.61
C LEU A 397 4.89 -22.92 19.91
N ASP A 398 5.60 -22.63 20.99
CA ASP A 398 4.97 -22.32 22.27
C ASP A 398 4.13 -21.03 22.28
N SER A 399 4.33 -20.16 21.28
CA SER A 399 3.67 -18.85 21.13
C SER A 399 3.87 -17.96 22.33
N GLN A 400 5.14 -17.75 22.66
CA GLN A 400 5.51 -16.93 23.80
C GLN A 400 6.75 -16.11 23.50
N VAL A 401 6.98 -15.10 24.33
CA VAL A 401 8.28 -14.45 24.51
C VAL A 401 8.88 -14.89 25.88
N VAL A 402 10.15 -15.26 25.86
CA VAL A 402 10.89 -15.62 27.07
C VAL A 402 11.96 -14.59 27.35
N LYS A 403 11.94 -14.05 28.57
CA LYS A 403 12.95 -13.15 29.07
C LYS A 403 13.98 -13.95 29.85
N TRP A 404 15.25 -13.84 29.44
CA TRP A 404 16.32 -14.51 30.17
C TRP A 404 17.54 -13.60 30.32
N ASN A 405 18.39 -13.84 31.32
CA ASN A 405 19.59 -13.05 31.54
C ASN A 405 20.78 -13.76 30.92
N ILE A 406 21.51 -13.06 30.06
CA ILE A 406 22.65 -13.70 29.34
C ILE A 406 23.75 -14.13 30.31
N ASP A 407 24.16 -13.22 31.18
CA ASP A 407 25.21 -13.49 32.17
C ASP A 407 24.86 -14.70 33.09
N GLU A 408 23.61 -14.78 33.59
CA GLU A 408 23.14 -15.99 34.30
C GLU A 408 23.18 -17.29 33.48
N ALA A 409 22.85 -17.25 32.19
CA ALA A 409 22.92 -18.45 31.34
C ALA A 409 24.37 -18.92 31.19
N ILE A 410 25.29 -17.97 31.13
CA ILE A 410 26.73 -18.28 31.01
C ILE A 410 27.25 -18.94 32.30
N ARG A 411 26.86 -18.39 33.45
CA ARG A 411 27.15 -19.01 34.76
C ARG A 411 26.57 -20.45 34.83
N ALA A 412 25.33 -20.62 34.38
CA ALA A 412 24.69 -21.95 34.39
C ALA A 412 25.45 -22.94 33.55
N TYR A 413 25.82 -22.54 32.34
CA TYR A 413 26.55 -23.43 31.43
C TYR A 413 27.90 -23.86 32.01
N ALA A 414 28.47 -23.00 32.85
CA ALA A 414 29.71 -23.30 33.56
C ALA A 414 29.48 -24.14 34.82
N GLY A 415 28.20 -24.41 35.13
CA GLY A 415 27.83 -25.38 36.14
C GLY A 415 27.22 -24.80 37.40
N GLU A 416 27.03 -23.49 37.45
CA GLU A 416 26.32 -22.90 38.58
C GLU A 416 24.87 -23.34 38.55
N LYS A 417 24.34 -23.69 39.72
CA LYS A 417 22.92 -24.02 39.85
C LYS A 417 22.12 -22.72 39.85
N ILE A 418 21.74 -22.26 38.67
CA ILE A 418 20.96 -21.02 38.54
C ILE A 418 20.11 -21.08 37.28
N ASN A 419 18.90 -20.53 37.36
CA ASN A 419 17.95 -20.53 36.24
C ASN A 419 17.93 -19.16 35.61
N PRO A 420 18.47 -19.02 34.39
CA PRO A 420 18.51 -17.70 33.76
C PRO A 420 17.19 -17.15 33.26
N ILE A 421 16.13 -17.99 33.23
CA ILE A 421 14.82 -17.58 32.70
C ILE A 421 14.09 -16.73 33.75
N LYS A 422 13.71 -15.52 33.35
CA LYS A 422 13.08 -14.57 34.26
C LYS A 422 11.57 -14.50 34.14
N ASP A 423 11.05 -14.65 32.93
CA ASP A 423 9.62 -14.57 32.69
C ASP A 423 9.27 -15.15 31.32
N LYS A 424 8.03 -15.58 31.17
CA LYS A 424 7.50 -15.99 29.86
C LYS A 424 6.11 -15.37 29.71
N LEU A 425 5.87 -14.75 28.57
CA LEU A 425 4.56 -14.13 28.29
C LEU A 425 3.95 -14.79 27.05
N ASP A 426 2.70 -15.25 27.14
CA ASP A 426 1.99 -15.76 25.97
C ASP A 426 1.71 -14.58 25.04
N VAL A 427 1.91 -14.81 23.75
CA VAL A 427 1.57 -13.83 22.73
C VAL A 427 0.61 -14.45 21.72
N GLN A 428 -0.02 -13.59 20.93
CA GLN A 428 -1.12 -13.99 20.07
C GLN A 428 -0.97 -13.53 18.60
N TYR A 429 -0.51 -14.38 17.68
CA TYR A 429 -0.06 -15.77 17.90
C TYR A 429 1.15 -16.00 16.98
N GLN A 430 2.05 -16.87 17.42
CA GLN A 430 3.15 -17.35 16.56
C GLN A 430 4.18 -16.25 16.26
N PRO A 431 4.96 -15.89 17.27
CA PRO A 431 5.88 -14.76 17.14
C PRO A 431 7.07 -15.04 16.23
N GLY A 432 7.47 -14.03 15.44
CA GLY A 432 8.65 -14.13 14.57
C GLY A 432 9.73 -13.22 15.14
N HIS A 433 10.05 -12.15 14.42
CA HIS A 433 10.97 -11.16 14.93
C HIS A 433 10.41 -10.46 16.18
N LEU A 434 11.33 -9.98 16.99
CA LEU A 434 10.93 -9.09 18.05
C LEU A 434 12.08 -8.12 18.24
N LYS A 435 11.76 -6.95 18.75
CA LYS A 435 12.76 -5.92 18.87
C LYS A 435 12.47 -4.94 19.98
N THR A 436 13.55 -4.57 20.66
CA THR A 436 13.54 -3.54 21.68
C THR A 436 13.92 -2.20 21.05
N VAL A 437 13.69 -1.08 21.73
CA VAL A 437 14.06 0.22 21.15
C VAL A 437 15.61 0.39 21.03
N MET A 438 16.10 0.60 19.81
CA MET A 438 17.57 0.68 19.53
C MET A 438 18.36 -0.52 20.04
N GLY A 439 17.71 -1.66 20.10
CA GLY A 439 18.32 -2.88 20.62
C GLY A 439 19.50 -3.45 19.85
N GLU A 440 19.63 -3.04 18.58
CA GLU A 440 20.77 -3.49 17.73
C GLU A 440 21.91 -2.48 17.81
N THR A 441 21.89 -1.68 18.88
CA THR A 441 22.85 -0.61 19.07
C THR A 441 23.28 -0.54 20.55
N LEU A 442 24.35 0.20 20.81
CA LEU A 442 24.83 0.46 22.15
C LEU A 442 23.80 1.19 23.01
N ASP A 443 22.77 1.73 22.41
CA ASP A 443 21.75 2.46 23.18
C ASP A 443 20.43 1.70 23.38
N ALA A 444 20.53 0.37 23.28
CA ALA A 444 19.43 -0.55 23.61
C ALA A 444 18.74 -0.08 24.87
N ALA A 445 17.42 0.12 24.76
CA ALA A 445 16.60 0.67 25.85
C ALA A 445 15.78 -0.39 26.65
N ASN A 446 15.09 0.08 27.70
CA ASN A 446 14.52 -0.81 28.71
C ASN A 446 13.01 -0.72 28.84
N ASP A 447 12.38 0.08 27.99
CA ASP A 447 10.93 0.40 28.09
C ASP A 447 10.00 -0.56 27.33
N TRP A 448 10.29 -0.74 26.04
CA TRP A 448 9.35 -1.39 25.11
C TRP A 448 9.94 -2.58 24.34
N LEU A 449 9.07 -3.54 24.03
CA LEU A 449 9.44 -4.67 23.15
C LEU A 449 8.28 -4.81 22.18
N VAL A 450 8.58 -4.95 20.89
CA VAL A 450 7.55 -5.20 19.89
C VAL A 450 7.71 -6.62 19.42
N CYS A 451 6.63 -7.37 19.44
CA CYS A 451 6.66 -8.79 19.04
C CYS A 451 5.83 -8.94 17.78
N LEU A 452 6.47 -9.30 16.67
CA LEU A 452 5.81 -9.32 15.35
C LEU A 452 5.26 -10.73 15.11
N CYS A 453 3.99 -10.93 15.46
CA CYS A 453 3.30 -12.23 15.38
C CYS A 453 2.73 -12.49 13.98
N LYS A 454 2.66 -13.76 13.61
CA LYS A 454 2.36 -14.13 12.24
C LYS A 454 0.89 -14.51 12.03
N PHE A 455 0.18 -14.81 13.10
CA PHE A 455 -1.27 -14.99 12.97
C PHE A 455 -2.00 -14.01 13.91
N SER A 456 -3.20 -13.58 13.54
CA SER A 456 -4.01 -12.78 14.48
C SER A 456 -5.28 -13.50 14.91
N LYS A 457 -5.79 -14.38 14.04
CA LYS A 457 -6.94 -15.25 14.38
C LYS A 457 -8.13 -14.44 14.91
N ASP A 458 -8.42 -14.57 16.21
CA ASP A 458 -9.56 -13.90 16.86
C ASP A 458 -9.32 -12.53 17.47
N ARG A 459 -8.12 -11.98 17.33
CA ARG A 459 -7.75 -10.77 18.06
C ARG A 459 -8.40 -9.47 17.53
N PHE A 460 -8.90 -9.53 16.30
CA PHE A 460 -9.55 -8.39 15.66
C PHE A 460 -10.85 -8.83 15.02
N LEU A 461 -11.72 -7.85 14.74
CA LEU A 461 -12.90 -8.11 13.95
C LEU A 461 -12.48 -8.86 12.68
N ASN A 462 -13.27 -9.85 12.34
CA ASN A 462 -13.02 -10.67 11.17
C ASN A 462 -13.15 -9.89 9.88
N VAL A 463 -12.07 -9.91 9.07
CA VAL A 463 -12.02 -9.20 7.80
C VAL A 463 -11.99 -10.13 6.56
N GLY A 464 -12.21 -11.42 6.78
CA GLY A 464 -12.38 -12.42 5.72
C GLY A 464 -11.22 -13.41 5.76
N PRO A 465 -11.08 -14.20 4.70
CA PRO A 465 -10.00 -15.20 4.66
C PRO A 465 -8.57 -14.71 4.79
N LEU A 466 -8.27 -13.45 4.44
CA LEU A 466 -6.93 -12.90 4.66
C LEU A 466 -7.01 -12.05 5.90
N LYS A 467 -6.16 -12.32 6.89
CA LYS A 467 -6.19 -11.52 8.15
C LYS A 467 -4.90 -10.75 8.38
N PRO A 468 -4.96 -9.71 9.22
CA PRO A 468 -3.72 -9.02 9.51
C PRO A 468 -2.75 -9.82 10.40
N GLU A 469 -1.51 -9.34 10.44
CA GLU A 469 -0.52 -9.82 11.40
C GLU A 469 -0.88 -9.11 12.71
N ASN A 470 -0.29 -9.53 13.84
CA ASN A 470 -0.50 -8.85 15.12
C ASN A 470 0.86 -8.41 15.62
N ASP A 471 1.16 -7.12 15.52
CA ASP A 471 2.42 -6.63 16.08
C ASP A 471 2.09 -6.13 17.50
N GLN A 472 2.61 -6.83 18.52
CA GLN A 472 2.21 -6.57 19.89
C GLN A 472 3.28 -5.79 20.67
N LEU A 473 2.84 -4.72 21.32
CA LEU A 473 3.70 -3.85 22.11
C LEU A 473 3.63 -4.36 23.55
N ILE A 474 4.80 -4.61 24.12
CA ILE A 474 4.93 -5.20 25.43
C ILE A 474 5.79 -4.27 26.30
N ASP A 475 5.31 -3.98 27.50
CA ASP A 475 6.05 -3.16 28.47
C ASP A 475 7.05 -4.08 29.15
N ILE A 476 8.34 -3.83 28.96
CA ILE A 476 9.37 -4.60 29.62
C ILE A 476 10.14 -3.82 30.68
N SER A 477 9.59 -2.68 31.14
CA SER A 477 10.30 -1.87 32.16
C SER A 477 10.46 -2.60 33.48
N GLY A 478 9.51 -3.49 33.78
CA GLY A 478 9.49 -4.21 35.05
C GLY A 478 10.01 -5.62 35.07
N ASP A 479 9.98 -6.25 36.24
CA ASP A 479 10.48 -7.62 36.39
C ASP A 479 9.71 -8.58 35.51
N LYS A 480 8.41 -8.30 35.37
CA LYS A 480 7.51 -9.10 34.55
C LYS A 480 6.96 -8.32 33.33
N MET A 481 7.00 -8.97 32.16
CA MET A 481 6.48 -8.42 30.91
C MET A 481 4.94 -8.27 30.89
N VAL A 482 4.45 -7.17 30.33
CA VAL A 482 3.02 -6.90 30.27
C VAL A 482 2.61 -6.49 28.87
N LEU A 483 1.62 -7.15 28.30
CA LEU A 483 1.10 -6.80 26.96
C LEU A 483 0.30 -5.51 27.04
N VAL A 484 0.61 -4.53 26.19
CA VAL A 484 -0.11 -3.27 26.20
C VAL A 484 -1.01 -2.97 25.01
N HIS A 485 -0.62 -3.34 23.79
CA HIS A 485 -1.34 -2.98 22.55
C HIS A 485 -1.24 -4.14 21.57
N ASP A 486 -2.34 -4.49 20.94
CA ASP A 486 -2.36 -5.33 19.71
C ASP A 486 -2.47 -4.45 18.47
N GLY A 487 -1.50 -4.61 17.57
CA GLY A 487 -1.29 -3.75 16.42
C GLY A 487 -1.51 -4.54 15.13
N PRO A 488 -2.70 -4.44 14.52
CA PRO A 488 -2.87 -5.12 13.24
C PRO A 488 -2.00 -4.50 12.17
N THR A 489 -1.39 -5.33 11.32
CA THR A 489 -0.56 -4.83 10.22
C THR A 489 -0.77 -5.73 9.00
N PHE A 490 -0.70 -5.12 7.84
CA PHE A 490 -1.04 -5.79 6.60
C PHE A 490 0.17 -6.57 6.13
N ALA A 491 -0.10 -7.73 5.57
CA ALA A 491 0.89 -8.68 5.07
C ALA A 491 2.15 -8.07 4.46
N GLU A 492 3.33 -8.30 5.04
CA GLU A 492 3.56 -9.08 6.27
C GLU A 492 4.93 -8.60 6.78
N PRO A 493 4.95 -7.75 7.80
CA PRO A 493 6.25 -7.36 8.32
C PRO A 493 7.03 -8.53 8.91
N HIS A 494 8.33 -8.50 8.69
CA HIS A 494 9.23 -9.43 9.35
C HIS A 494 9.90 -8.73 10.51
N ASP A 495 10.94 -7.96 10.25
CA ASP A 495 11.65 -7.24 11.30
C ASP A 495 11.29 -5.74 11.31
N ALA A 496 11.72 -5.08 12.38
CA ALA A 496 11.49 -3.67 12.56
C ALA A 496 12.57 -3.11 13.52
N ILE A 497 12.76 -1.78 13.47
CA ILE A 497 13.58 -1.09 14.43
C ILE A 497 12.87 0.14 14.95
N ALA A 498 13.33 0.68 16.08
CA ALA A 498 12.84 1.92 16.60
C ALA A 498 14.02 2.81 16.99
N VAL A 499 13.84 4.10 16.77
CA VAL A 499 14.89 5.09 16.79
C VAL A 499 14.44 6.34 17.54
N SER A 500 15.32 6.84 18.37
CA SER A 500 15.05 8.09 19.07
C SER A 500 14.92 9.23 18.08
N PRO A 501 13.94 10.14 18.27
CA PRO A 501 13.92 11.34 17.42
C PRO A 501 15.17 12.23 17.46
N SER A 502 15.96 12.12 18.52
CA SER A 502 17.19 12.91 18.62
C SER A 502 18.22 12.54 17.55
N ILE A 503 18.08 11.36 16.95
CA ILE A 503 19.00 10.85 15.93
C ILE A 503 18.62 11.40 14.54
N LEU A 504 17.40 11.93 14.43
CA LEU A 504 16.80 12.33 13.16
C LEU A 504 16.42 13.81 13.07
N PRO A 505 17.32 14.72 13.49
CA PRO A 505 16.97 16.12 13.31
C PRO A 505 17.04 16.59 11.85
N ASN A 506 17.61 15.75 11.00
CA ASN A 506 17.91 16.08 9.60
C ASN A 506 16.72 15.84 8.69
N ILE A 507 15.62 15.30 9.24
CA ILE A 507 14.41 15.11 8.42
C ILE A 507 13.85 16.45 8.00
N ARG A 508 13.77 16.66 6.69
CA ARG A 508 13.39 17.93 6.09
C ARG A 508 11.89 18.16 6.16
N SER A 509 11.50 19.42 6.00
CA SER A 509 10.10 19.84 5.86
C SER A 509 9.67 20.04 4.39
N VAL A 510 10.58 20.61 3.59
CA VAL A 510 10.42 20.80 2.16
C VAL A 510 11.69 20.34 1.44
N TRP A 511 11.58 20.09 0.14
CA TRP A 511 12.74 19.68 -0.61
C TRP A 511 13.74 20.83 -0.83
N ASP A 512 14.99 20.46 -1.04
CA ASP A 512 16.00 21.34 -1.60
C ASP A 512 15.82 21.36 -3.13
N ARG A 513 15.86 22.53 -3.75
CA ARG A 513 15.68 22.63 -5.21
C ARG A 513 16.76 21.92 -6.02
N ASN A 514 17.96 21.86 -5.48
CA ASN A 514 19.09 21.24 -6.18
C ASN A 514 19.21 19.75 -5.89
N ASP A 515 18.12 19.10 -5.54
CA ASP A 515 18.22 17.72 -5.13
C ASP A 515 18.69 16.82 -6.29
N PRO A 516 19.61 15.88 -6.01
CA PRO A 516 20.07 14.95 -7.04
C PRO A 516 18.99 14.07 -7.65
N LEU A 517 17.91 13.81 -6.90
CA LEU A 517 16.82 12.97 -7.38
C LEU A 517 16.35 13.36 -8.77
N TRP A 518 16.28 14.66 -9.07
CA TRP A 518 15.90 15.11 -10.42
C TRP A 518 17.03 15.76 -11.22
N ALA A 519 18.28 15.38 -10.90
CA ALA A 519 19.44 15.93 -11.62
C ALA A 519 19.35 15.75 -13.15
N GLU A 520 18.95 14.57 -13.61
CA GLU A 520 18.84 14.35 -15.08
C GLU A 520 17.71 15.16 -15.72
N THR A 521 16.62 15.32 -14.99
CA THR A 521 15.50 16.13 -15.45
C THR A 521 15.97 17.57 -15.61
N ARG A 522 16.72 18.07 -14.62
CA ARG A 522 17.30 19.41 -14.67
C ARG A 522 18.30 19.53 -15.85
N LYS A 523 19.08 18.49 -16.13
CA LYS A 523 20.04 18.58 -17.20
C LYS A 523 19.32 18.78 -18.55
N GLN A 524 18.20 18.06 -18.71
CA GLN A 524 17.42 18.16 -19.94
C GLN A 524 16.75 19.52 -20.05
N ALA A 525 16.32 20.06 -18.91
CA ALA A 525 15.73 21.40 -18.86
C ALA A 525 16.76 22.43 -19.35
N GLU A 526 17.97 22.32 -18.82
CA GLU A 526 19.06 23.19 -19.25
C GLU A 526 19.31 23.11 -20.75
N ALA A 527 19.30 21.91 -21.32
CA ALA A 527 19.44 21.72 -22.76
C ALA A 527 18.27 22.32 -23.55
N ASP A 528 17.07 22.33 -22.98
CA ASP A 528 15.89 22.98 -23.57
C ASP A 528 15.80 24.51 -23.33
N GLU A 529 16.73 25.10 -22.61
CA GLU A 529 16.64 26.52 -22.28
C GLU A 529 15.53 26.86 -21.30
N VAL A 530 15.20 25.91 -20.42
CA VAL A 530 14.16 26.08 -19.41
C VAL A 530 14.73 26.09 -17.99
N ASP A 531 14.31 27.07 -17.22
CA ASP A 531 14.74 27.19 -15.85
C ASP A 531 13.66 26.66 -14.94
N ILE A 532 13.85 25.45 -14.42
CA ILE A 532 12.83 24.79 -13.58
C ILE A 532 12.69 25.40 -12.18
N ASP A 533 13.65 26.24 -11.84
CA ASP A 533 13.60 26.99 -10.60
C ASP A 533 12.64 28.20 -10.60
N GLU A 534 12.09 28.57 -11.75
CA GLU A 534 11.11 29.64 -11.87
C GLU A 534 9.87 29.21 -12.62
N TRP A 535 8.81 29.99 -12.49
CA TRP A 535 7.58 29.75 -13.23
C TRP A 535 7.89 29.46 -14.69
N THR A 536 7.23 28.46 -15.24
CA THR A 536 7.43 28.12 -16.66
C THR A 536 6.13 27.62 -17.28
N GLU A 537 6.00 27.87 -18.58
CA GLU A 537 4.90 27.35 -19.38
C GLU A 537 5.46 26.78 -20.72
N ALA A 538 6.70 26.33 -20.70
CA ALA A 538 7.37 25.84 -21.92
C ALA A 538 6.85 24.51 -22.43
N VAL A 539 6.74 24.39 -23.76
CA VAL A 539 6.41 23.13 -24.42
C VAL A 539 7.49 22.99 -25.51
N ILE A 540 8.32 21.97 -25.40
CA ILE A 540 9.50 21.75 -26.25
C ILE A 540 9.22 20.59 -27.20
N ARG A 541 9.20 20.88 -28.50
CA ARG A 541 8.98 19.87 -29.56
C ARG A 541 10.30 19.23 -29.96
N ASP A 542 10.35 17.90 -29.99
CA ASP A 542 11.59 17.14 -30.21
C ASP A 542 11.27 15.92 -31.06
N GLY A 543 10.91 16.14 -32.32
CA GLY A 543 10.51 15.03 -33.18
C GLY A 543 9.16 14.51 -32.75
N ASN A 544 9.07 13.24 -32.41
CA ASN A 544 7.81 12.70 -31.90
C ASN A 544 7.78 12.79 -30.38
N LYS A 545 8.73 13.50 -29.81
CA LYS A 545 8.76 13.72 -28.38
C LYS A 545 8.34 15.13 -28.10
N VAL A 546 7.66 15.31 -26.97
CA VAL A 546 7.28 16.62 -26.51
C VAL A 546 7.55 16.67 -25.02
N ARG A 547 8.20 17.74 -24.56
CA ARG A 547 8.45 17.95 -23.14
C ARG A 547 7.66 19.18 -22.72
N VAL A 548 6.71 18.95 -21.82
CA VAL A 548 5.78 19.96 -21.31
C VAL A 548 6.18 20.30 -19.87
N TYR A 549 6.57 21.55 -19.66
CA TYR A 549 7.04 22.05 -18.37
C TYR A 549 5.92 22.83 -17.65
N MET A 550 5.69 22.51 -16.39
CA MET A 550 4.68 23.23 -15.59
C MET A 550 5.21 23.54 -14.21
N THR A 551 4.60 24.55 -13.60
CA THR A 551 4.85 24.91 -12.22
C THR A 551 3.51 24.80 -11.52
N SER A 552 3.50 24.28 -10.29
CA SER A 552 2.28 24.23 -9.49
C SER A 552 2.42 25.20 -8.33
N VAL A 553 1.46 26.12 -8.22
CA VAL A 553 1.39 27.04 -7.08
C VAL A 553 -0.08 27.08 -6.76
N ALA A 554 -0.43 26.60 -5.57
CA ALA A 554 -1.85 26.38 -5.27
C ALA A 554 -2.60 27.70 -5.54
N PRO A 555 -3.79 27.64 -6.18
CA PRO A 555 -4.50 26.47 -6.66
C PRO A 555 -4.37 26.14 -8.13
N SER A 556 -3.26 26.49 -8.79
CA SER A 556 -3.27 26.32 -10.25
C SER A 556 -1.98 25.77 -10.83
N PHE A 557 -2.09 25.00 -11.91
CA PHE A 557 -0.92 24.72 -12.73
C PHE A 557 -0.64 25.96 -13.59
N SER A 558 0.59 26.12 -14.04
CA SER A 558 0.99 27.23 -14.91
C SER A 558 0.44 27.18 -16.33
N GLN A 559 0.10 25.97 -16.78
CA GLN A 559 -0.55 25.78 -18.06
C GLN A 559 -2.00 25.32 -17.96
N PRO A 560 -2.94 26.11 -18.53
CA PRO A 560 -4.33 25.72 -18.56
C PRO A 560 -4.64 24.64 -19.58
N SER A 561 -3.77 24.55 -20.56
CA SER A 561 -3.83 23.51 -21.55
C SER A 561 -2.53 23.38 -22.32
N PHE A 562 -2.39 22.27 -23.02
CA PHE A 562 -1.28 22.08 -23.95
C PHE A 562 -1.70 21.14 -25.08
N THR A 563 -0.98 21.16 -26.20
CA THR A 563 -1.42 20.43 -27.39
C THR A 563 -0.27 19.53 -27.87
N VAL A 564 -0.61 18.27 -28.19
CA VAL A 564 0.33 17.31 -28.74
C VAL A 564 -0.34 16.61 -29.93
N LYS A 565 0.43 15.77 -30.65
CA LYS A 565 -0.09 14.95 -31.74
C LYS A 565 -0.28 13.50 -31.29
N GLU A 566 -1.37 12.91 -31.78
CA GLU A 566 -1.63 11.48 -31.66
C GLU A 566 -0.31 10.72 -31.88
N GLY A 567 0.05 9.89 -30.92
CA GLY A 567 1.25 9.05 -31.00
C GLY A 567 2.49 9.66 -30.37
N ASP A 568 2.41 10.94 -29.96
CA ASP A 568 3.58 11.61 -29.37
C ASP A 568 3.99 10.93 -28.07
N GLU A 569 5.29 10.87 -27.81
CA GLU A 569 5.79 10.52 -26.47
C GLU A 569 5.92 11.82 -25.64
N VAL A 570 4.99 11.98 -24.69
CA VAL A 570 4.86 13.19 -23.95
C VAL A 570 5.52 13.02 -22.60
N THR A 571 6.45 13.91 -22.25
CA THR A 571 7.02 13.93 -20.91
C THR A 571 6.48 15.22 -20.25
N VAL A 572 5.90 15.07 -19.06
CA VAL A 572 5.41 16.23 -18.27
C VAL A 572 6.37 16.39 -17.09
N ILE A 573 6.90 17.61 -16.98
CA ILE A 573 7.82 17.99 -15.89
C ILE A 573 7.08 19.02 -15.03
N VAL A 574 6.86 18.70 -13.76
CA VAL A 574 6.12 19.60 -12.86
C VAL A 574 7.02 19.94 -11.67
N THR A 575 7.09 21.24 -11.38
CA THR A 575 7.84 21.75 -10.24
C THR A 575 6.85 22.45 -9.32
N ASN A 576 6.86 22.08 -8.05
CA ASN A 576 5.97 22.69 -7.03
C ASN A 576 6.76 23.80 -6.36
N LEU A 577 6.41 25.05 -6.63
CA LEU A 577 7.14 26.18 -6.06
C LEU A 577 6.39 26.75 -4.85
N ASP A 578 5.42 26.03 -4.31
CA ASP A 578 4.95 26.36 -2.95
C ASP A 578 6.07 26.04 -1.95
N GLU A 579 6.18 26.84 -0.92
CA GLU A 579 7.24 26.68 0.07
C GLU A 579 6.67 26.37 1.46
N ILE A 580 5.35 26.14 1.56
CA ILE A 580 4.66 25.85 2.80
C ILE A 580 4.77 24.34 3.11
N ASP A 581 5.12 24.04 4.35
CA ASP A 581 5.14 22.67 4.84
C ASP A 581 3.79 22.00 4.58
N ASP A 582 3.85 20.77 4.07
CA ASP A 582 2.66 19.94 3.84
C ASP A 582 1.88 20.34 2.58
N LEU A 583 2.33 21.33 1.81
CA LEU A 583 1.54 21.81 0.64
C LEU A 583 1.96 21.05 -0.64
N THR A 584 1.55 19.81 -0.67
CA THR A 584 1.90 18.88 -1.75
C THR A 584 0.87 19.03 -2.87
N HIS A 585 1.32 18.91 -4.12
CA HIS A 585 0.42 18.83 -5.24
C HIS A 585 0.67 17.48 -5.93
N GLY A 586 -0.21 17.13 -6.86
CA GLY A 586 -0.03 15.97 -7.70
C GLY A 586 -0.31 16.34 -9.15
N PHE A 587 0.12 15.46 -10.05
CA PHE A 587 -0.24 15.58 -11.46
C PHE A 587 -0.80 14.24 -11.89
N THR A 588 -2.08 14.21 -12.29
CA THR A 588 -2.73 13.03 -12.82
C THR A 588 -3.23 13.30 -14.20
N MET A 589 -2.92 12.43 -15.17
CA MET A 589 -3.46 12.56 -16.55
C MET A 589 -4.61 11.59 -16.75
N GLY A 590 -5.78 12.14 -16.88
CA GLY A 590 -7.00 11.34 -17.05
C GLY A 590 -6.94 10.32 -18.20
N ASN A 591 -7.25 9.07 -17.88
CA ASN A 591 -7.25 7.96 -18.82
C ASN A 591 -5.91 7.61 -19.47
N HIS A 592 -4.81 8.15 -18.98
CA HIS A 592 -3.48 7.86 -19.50
C HIS A 592 -2.57 7.06 -18.55
N GLY A 593 -3.15 6.62 -17.44
CA GLY A 593 -2.47 5.75 -16.49
C GLY A 593 -1.25 6.41 -15.91
N VAL A 594 -1.38 7.69 -15.52
CA VAL A 594 -0.28 8.53 -15.08
C VAL A 594 -0.71 9.33 -13.84
N ALA A 595 0.05 9.23 -12.74
CA ALA A 595 -0.23 10.00 -11.53
C ALA A 595 1.07 10.09 -10.73
N MET A 596 1.46 11.30 -10.35
CA MET A 596 2.65 11.46 -9.55
C MET A 596 2.48 12.52 -8.46
N GLU A 597 3.33 12.40 -7.44
CA GLU A 597 3.37 13.34 -6.34
C GLU A 597 4.38 14.44 -6.68
N VAL A 598 4.08 15.67 -6.27
CA VAL A 598 5.03 16.75 -6.38
C VAL A 598 5.03 17.52 -5.08
N GLY A 599 5.95 17.17 -4.18
CA GLY A 599 6.04 17.81 -2.87
C GLY A 599 6.57 19.22 -2.92
N PRO A 600 6.49 19.98 -1.80
CA PRO A 600 6.99 21.35 -1.85
C PRO A 600 8.48 21.43 -2.25
N GLN A 601 8.76 22.25 -3.27
CA GLN A 601 10.09 22.43 -3.91
C GLN A 601 10.58 21.25 -4.66
N GLN A 602 9.72 20.24 -4.86
CA GLN A 602 10.07 19.09 -5.69
C GLN A 602 9.84 19.33 -7.18
N THR A 603 10.72 18.77 -8.01
CA THR A 603 10.48 18.61 -9.47
C THR A 603 10.31 17.11 -9.77
N SER A 604 9.23 16.76 -10.50
CA SER A 604 8.96 15.35 -10.83
C SER A 604 8.57 15.26 -12.32
N SER A 605 8.79 14.11 -12.91
CA SER A 605 8.47 13.95 -14.33
C SER A 605 8.02 12.56 -14.67
N VAL A 606 7.18 12.49 -15.70
CA VAL A 606 6.63 11.22 -16.13
C VAL A 606 6.41 11.26 -17.60
N THR A 607 6.63 10.13 -18.26
CA THR A 607 6.55 9.99 -19.70
C THR A 607 5.45 8.97 -20.06
N PHE A 608 4.70 9.31 -21.11
CA PHE A 608 3.60 8.47 -21.60
C PHE A 608 3.36 8.75 -23.07
N VAL A 609 2.83 7.77 -23.79
CA VAL A 609 2.42 7.99 -25.18
C VAL A 609 0.93 8.41 -25.15
N ALA A 610 0.60 9.45 -25.90
CA ALA A 610 -0.78 9.90 -26.11
C ALA A 610 -1.34 9.15 -27.34
N ALA A 611 -1.94 8.00 -27.12
CA ALA A 611 -2.24 7.07 -28.24
C ALA A 611 -3.46 7.49 -29.05
N ASN A 612 -4.38 8.18 -28.38
CA ASN A 612 -5.69 8.43 -28.95
C ASN A 612 -5.97 9.94 -29.04
N PRO A 613 -6.49 10.41 -30.19
CA PRO A 613 -6.83 11.83 -30.32
C PRO A 613 -8.01 12.20 -29.45
N GLY A 614 -8.19 13.49 -29.21
CA GLY A 614 -9.24 13.97 -28.35
C GLY A 614 -8.71 14.83 -27.24
N VAL A 615 -9.63 15.27 -26.41
CA VAL A 615 -9.29 16.10 -25.24
C VAL A 615 -9.35 15.27 -23.96
N TYR A 616 -8.40 15.52 -23.09
CA TYR A 616 -8.25 14.81 -21.84
C TYR A 616 -7.87 15.81 -20.76
N TRP A 617 -8.35 15.58 -19.55
CA TRP A 617 -8.04 16.47 -18.41
C TRP A 617 -6.92 15.92 -17.52
N TYR A 618 -5.99 16.80 -17.20
CA TYR A 618 -5.04 16.56 -16.12
C TYR A 618 -5.49 17.34 -14.89
N TYR A 619 -5.25 16.78 -13.72
CA TYR A 619 -5.73 17.41 -12.48
C TYR A 619 -4.79 17.10 -11.35
N CYS A 620 -4.91 17.89 -10.28
CA CYS A 620 -4.15 17.72 -9.02
C CYS A 620 -4.88 16.72 -8.13
N GLN A 621 -4.23 15.63 -7.77
CA GLN A 621 -4.85 14.60 -6.93
C GLN A 621 -4.55 14.75 -5.43
N TRP A 622 -3.75 15.77 -5.08
CA TRP A 622 -3.44 16.09 -3.69
C TRP A 622 -4.24 17.33 -3.18
N PHE A 623 -5.19 17.08 -2.29
CA PHE A 623 -6.06 18.15 -1.82
C PHE A 623 -5.18 19.25 -1.19
N CYS A 624 -5.23 20.44 -1.79
CA CYS A 624 -4.23 21.48 -1.56
C CYS A 624 -4.73 22.89 -1.22
N HIS A 625 -6.03 23.13 -1.37
CA HIS A 625 -6.64 24.44 -1.45
C HIS A 625 -8.16 24.28 -1.52
N ALA A 626 -8.90 25.29 -1.07
CA ALA A 626 -10.35 25.31 -1.28
C ALA A 626 -10.73 25.10 -2.76
N LEU A 627 -9.87 25.58 -3.67
CA LEU A 627 -10.08 25.48 -5.13
C LEU A 627 -9.31 24.29 -5.78
N HIS A 628 -9.09 23.24 -4.99
CA HIS A 628 -8.43 21.99 -5.47
C HIS A 628 -9.17 21.38 -6.65
N MET A 629 -10.49 21.34 -6.58
CA MET A 629 -11.29 20.66 -7.65
C MET A 629 -11.05 21.33 -9.02
N GLU A 630 -10.84 22.63 -8.98
CA GLU A 630 -10.58 23.44 -10.13
C GLU A 630 -9.13 23.45 -10.61
N MET A 631 -8.24 22.73 -9.91
CA MET A 631 -6.82 22.69 -10.26
C MET A 631 -6.67 21.62 -11.35
N ARG A 632 -7.07 22.02 -12.54
CA ARG A 632 -7.06 21.10 -13.69
C ARG A 632 -6.89 21.84 -15.02
N GLY A 633 -6.59 21.07 -16.06
CA GLY A 633 -6.34 21.67 -17.36
C GLY A 633 -6.47 20.59 -18.44
N ARG A 634 -6.39 21.01 -19.71
CA ARG A 634 -6.66 20.11 -20.83
C ARG A 634 -5.42 19.80 -21.66
N MET A 635 -5.25 18.51 -21.95
CA MET A 635 -4.34 18.07 -22.99
C MET A 635 -5.17 17.81 -24.27
N PHE A 636 -4.84 18.52 -25.33
CA PHE A 636 -5.47 18.29 -26.66
C PHE A 636 -4.56 17.37 -27.48
N VAL A 637 -5.10 16.25 -27.96
CA VAL A 637 -4.31 15.30 -28.76
C VAL A 637 -4.83 15.34 -30.20
N GLU A 638 -4.04 15.92 -31.09
CA GLU A 638 -4.50 16.19 -32.43
C GLU A 638 -4.45 14.91 -33.28
N PRO A 639 -5.52 14.65 -34.06
CA PRO A 639 -5.52 13.49 -34.96
C PRO A 639 -4.34 13.45 -35.92
N ALA B 50 -14.40 11.07 25.27
CA ALA B 50 -14.66 9.60 25.38
C ALA B 50 -13.40 8.81 25.76
N ASP B 51 -12.60 8.45 24.76
CA ASP B 51 -11.34 7.75 25.01
C ASP B 51 -10.99 6.88 23.83
N GLY B 52 -11.92 5.99 23.44
CA GLY B 52 -11.83 5.30 22.16
C GLY B 52 -10.83 4.16 22.08
N SER B 53 -10.23 3.77 23.20
CA SER B 53 -9.24 2.68 23.21
C SER B 53 -9.94 1.36 23.20
N VAL B 54 -9.27 0.36 22.64
CA VAL B 54 -9.74 -1.01 22.61
C VAL B 54 -8.59 -1.86 23.18
N ALA B 55 -8.83 -2.49 24.34
CA ALA B 55 -7.80 -3.27 25.03
C ALA B 55 -7.47 -4.54 24.25
N PRO B 56 -6.23 -5.08 24.42
CA PRO B 56 -5.94 -6.36 23.81
C PRO B 56 -7.00 -7.37 24.18
N GLY B 57 -7.46 -8.11 23.18
CA GLY B 57 -8.46 -9.15 23.41
C GLY B 57 -9.89 -8.70 23.23
N LYS B 58 -10.11 -7.39 23.28
CA LYS B 58 -11.40 -6.81 23.01
C LYS B 58 -11.48 -6.41 21.55
N LEU B 59 -12.69 -6.38 21.01
CA LEU B 59 -12.89 -6.03 19.61
C LEU B 59 -13.42 -4.59 19.44
N ASP B 60 -13.15 -4.03 18.27
CA ASP B 60 -13.68 -2.72 17.88
C ASP B 60 -15.19 -2.87 17.80
N ASP B 61 -15.91 -1.75 17.94
CA ASP B 61 -17.37 -1.71 17.87
C ASP B 61 -17.97 -1.64 16.48
N TYR B 62 -17.22 -1.11 15.53
CA TYR B 62 -17.69 -0.99 14.17
C TYR B 62 -16.59 -1.26 13.18
N TYR B 63 -16.98 -1.75 12.01
CA TYR B 63 -16.11 -1.73 10.86
C TYR B 63 -16.12 -0.35 10.22
N GLY B 64 -14.97 0.12 9.88
CA GLY B 64 -14.84 1.30 9.05
C GLY B 64 -14.34 0.93 7.67
N PHE B 65 -15.01 1.43 6.64
CA PHE B 65 -14.55 1.22 5.28
C PHE B 65 -14.12 2.54 4.67
N TRP B 66 -12.83 2.58 4.39
CA TRP B 66 -12.14 3.81 4.02
C TRP B 66 -11.74 3.88 2.57
N SER B 67 -11.96 5.05 1.97
CA SER B 67 -11.39 5.33 0.67
C SER B 67 -9.91 5.59 0.93
N SER B 68 -9.15 5.60 -0.16
CA SER B 68 -7.71 5.88 -0.11
C SER B 68 -7.19 6.87 -1.16
N GLY B 69 -8.10 7.52 -1.90
CA GLY B 69 -7.74 8.42 -2.98
C GLY B 69 -6.73 7.75 -3.89
N GLN B 70 -5.65 8.47 -4.15
CA GLN B 70 -4.64 8.08 -5.16
C GLN B 70 -3.91 6.79 -4.85
N THR B 71 -4.05 6.25 -3.65
CA THR B 71 -3.48 4.90 -3.36
C THR B 71 -4.23 3.81 -4.20
N GLY B 72 -5.54 4.00 -4.42
CA GLY B 72 -6.31 3.12 -5.29
C GLY B 72 -6.92 1.89 -4.61
N GLU B 73 -6.77 1.80 -3.28
CA GLU B 73 -7.23 0.65 -2.48
C GLU B 73 -8.41 1.02 -1.54
N MET B 74 -9.08 0.00 -1.02
CA MET B 74 -10.02 0.23 0.07
C MET B 74 -9.34 -0.25 1.32
N ARG B 75 -9.53 0.47 2.40
CA ARG B 75 -8.97 0.08 3.70
C ARG B 75 -10.11 -0.29 4.64
N ILE B 76 -9.89 -1.26 5.52
CA ILE B 76 -10.83 -1.63 6.55
C ILE B 76 -10.18 -1.27 7.87
N LEU B 77 -10.86 -0.38 8.61
CA LEU B 77 -10.43 0.07 9.96
C LEU B 77 -11.37 -0.48 11.03
N GLY B 78 -10.88 -0.58 12.27
CA GLY B 78 -11.74 -0.78 13.43
C GLY B 78 -12.02 0.56 14.03
N ILE B 79 -13.28 0.81 14.36
CA ILE B 79 -13.71 2.01 15.08
C ILE B 79 -14.17 1.54 16.47
N PRO B 80 -13.76 2.22 17.56
CA PRO B 80 -13.04 3.49 17.62
C PRO B 80 -11.52 3.46 17.74
N SER B 81 -10.88 2.30 17.60
CA SER B 81 -9.45 2.27 17.76
C SER B 81 -8.73 2.98 16.61
N MET B 82 -9.39 3.04 15.43
CA MET B 82 -8.84 3.62 14.20
C MET B 82 -7.64 2.85 13.64
N ARG B 83 -7.48 1.60 14.06
CA ARG B 83 -6.42 0.73 13.56
C ARG B 83 -6.80 0.17 12.21
N GLU B 84 -5.83 0.09 11.31
CA GLU B 84 -6.10 -0.51 9.99
C GLU B 84 -6.06 -2.03 10.06
N LEU B 85 -7.19 -2.66 9.80
CA LEU B 85 -7.32 -4.10 9.88
C LEU B 85 -6.93 -4.79 8.57
N MET B 86 -7.19 -4.15 7.43
CA MET B 86 -6.99 -4.77 6.14
C MET B 86 -6.88 -3.71 5.02
N ARG B 87 -6.14 -4.08 3.97
CA ARG B 87 -6.14 -3.32 2.71
C ARG B 87 -6.69 -4.27 1.67
N VAL B 88 -7.59 -3.76 0.86
CA VAL B 88 -8.23 -4.52 -0.20
C VAL B 88 -7.86 -3.84 -1.53
N PRO B 89 -7.07 -4.50 -2.38
CA PRO B 89 -6.62 -3.84 -3.60
C PRO B 89 -7.76 -3.72 -4.61
N VAL B 90 -7.83 -2.60 -5.29
CA VAL B 90 -8.90 -2.33 -6.27
C VAL B 90 -8.28 -1.91 -7.58
N PHE B 91 -7.70 -0.70 -7.62
CA PHE B 91 -7.07 -0.18 -8.83
C PHE B 91 -5.54 -0.16 -8.82
N ASN B 92 -4.99 -0.49 -7.66
CA ASN B 92 -3.56 -0.55 -7.40
C ASN B 92 -2.99 -1.89 -7.78
N ARG B 93 -1.67 -1.94 -8.01
CA ARG B 93 -0.94 -3.19 -8.23
C ARG B 93 -0.38 -3.62 -6.88
N CYS B 94 -0.93 -4.69 -6.32
CA CYS B 94 -0.58 -5.14 -4.99
C CYS B 94 0.57 -6.17 -5.05
N SER B 95 1.75 -5.73 -4.66
CA SER B 95 2.94 -6.62 -4.61
C SER B 95 2.68 -7.88 -3.75
N ALA B 96 1.93 -7.73 -2.65
CA ALA B 96 1.66 -8.79 -1.65
C ALA B 96 0.82 -9.92 -2.17
N THR B 97 -0.36 -9.57 -2.67
CA THR B 97 -1.40 -10.54 -3.01
C THR B 97 -1.41 -10.92 -4.47
N GLY B 98 -0.71 -10.14 -5.31
CA GLY B 98 -0.68 -10.40 -6.77
C GLY B 98 -1.82 -9.77 -7.54
N TRP B 99 -2.67 -9.01 -6.86
CA TRP B 99 -3.67 -8.22 -7.56
C TRP B 99 -3.06 -7.34 -8.62
N GLY B 100 -3.55 -7.50 -9.85
CA GLY B 100 -3.01 -6.80 -11.00
C GLY B 100 -2.10 -7.69 -11.85
N GLN B 101 -1.77 -8.88 -11.37
CA GLN B 101 -0.97 -9.84 -12.15
C GLN B 101 -1.50 -11.29 -12.17
N THR B 102 -2.31 -11.68 -11.18
CA THR B 102 -2.99 -12.96 -11.22
C THR B 102 -3.97 -13.00 -12.41
N ASN B 103 -4.14 -14.18 -13.00
CA ASN B 103 -5.12 -14.34 -14.06
C ASN B 103 -6.53 -13.98 -13.64
N GLU B 104 -6.87 -14.27 -12.38
CA GLU B 104 -8.21 -13.97 -11.88
C GLU B 104 -8.42 -12.42 -11.80
N SER B 105 -7.41 -11.67 -11.39
CA SER B 105 -7.54 -10.23 -11.29
C SER B 105 -7.49 -9.54 -12.67
N ILE B 106 -6.66 -10.04 -13.59
CA ILE B 106 -6.62 -9.48 -14.94
C ILE B 106 -8.00 -9.65 -15.60
N ARG B 107 -8.65 -10.81 -15.42
CA ARG B 107 -9.98 -11.08 -16.02
C ARG B 107 -10.98 -9.96 -15.57
N ILE B 108 -10.89 -9.63 -14.28
CA ILE B 108 -11.81 -8.67 -13.64
C ILE B 108 -11.52 -7.29 -14.20
N HIS B 109 -10.25 -6.94 -14.34
CA HIS B 109 -9.87 -5.66 -14.93
C HIS B 109 -10.34 -5.53 -16.37
N GLN B 110 -10.20 -6.59 -17.16
CA GLN B 110 -10.40 -6.51 -18.62
C GLN B 110 -11.83 -6.69 -19.08
N ARG B 111 -12.71 -7.17 -18.20
CA ARG B 111 -14.05 -7.53 -18.58
C ARG B 111 -14.79 -6.51 -19.47
N THR B 112 -14.74 -5.24 -19.08
CA THR B 112 -15.47 -4.17 -19.75
C THR B 112 -14.56 -3.18 -20.48
N MET B 113 -13.26 -3.48 -20.56
CA MET B 113 -12.33 -2.51 -21.09
C MET B 113 -12.63 -2.18 -22.55
N THR B 114 -12.57 -0.89 -22.86
CA THR B 114 -12.90 -0.38 -24.20
C THR B 114 -11.77 -0.59 -25.20
N GLU B 115 -12.08 -0.49 -26.49
CA GLU B 115 -11.01 -0.65 -27.47
C GLU B 115 -10.03 0.54 -27.41
N LYS B 116 -10.52 1.74 -27.13
CA LYS B 116 -9.65 2.92 -26.91
C LYS B 116 -8.70 2.70 -25.76
N THR B 117 -9.22 2.15 -24.66
CA THR B 117 -8.40 1.94 -23.49
C THR B 117 -7.32 0.87 -23.76
N LYS B 118 -7.70 -0.22 -24.42
CA LYS B 118 -6.71 -1.23 -24.77
C LYS B 118 -5.60 -0.63 -25.62
N LYS B 119 -5.95 0.24 -26.57
CA LYS B 119 -4.96 0.87 -27.45
C LYS B 119 -4.00 1.75 -26.66
N GLN B 120 -4.57 2.57 -25.77
CA GLN B 120 -3.77 3.44 -24.90
C GLN B 120 -2.80 2.63 -23.99
N LEU B 121 -3.30 1.57 -23.38
CA LEU B 121 -2.47 0.73 -22.54
C LEU B 121 -1.37 0.03 -23.34
N ALA B 122 -1.71 -0.55 -24.48
CA ALA B 122 -0.69 -1.21 -25.36
C ALA B 122 0.45 -0.26 -25.81
N ALA B 123 0.11 0.99 -26.12
CA ALA B 123 1.08 2.02 -26.55
C ALA B 123 2.02 2.36 -25.40
N ASN B 124 1.60 2.07 -24.18
CA ASN B 124 2.35 2.39 -22.96
C ASN B 124 2.94 1.15 -22.28
N GLY B 125 2.85 0.01 -22.94
CA GLY B 125 3.51 -1.21 -22.47
C GLY B 125 2.79 -1.85 -21.30
N LYS B 126 1.47 -1.69 -21.28
CA LYS B 126 0.63 -2.26 -20.21
C LYS B 126 -0.55 -3.09 -20.74
N LYS B 127 -1.01 -4.06 -19.97
CA LYS B 127 -2.19 -4.87 -20.31
C LYS B 127 -3.40 -4.40 -19.49
N ILE B 128 -3.12 -3.80 -18.34
CA ILE B 128 -4.15 -3.18 -17.53
C ILE B 128 -3.58 -1.91 -16.84
N HIS B 129 -4.45 -1.08 -16.29
CA HIS B 129 -4.01 0.10 -15.53
C HIS B 129 -3.41 -0.34 -14.21
N ASP B 130 -2.43 0.42 -13.74
CA ASP B 130 -1.79 0.20 -12.44
C ASP B 130 -1.96 1.37 -11.46
N ASN B 131 -2.97 2.22 -11.72
CA ASN B 131 -3.23 3.34 -10.81
C ASN B 131 -4.70 3.66 -10.82
N GLY B 132 -5.15 4.27 -9.73
CA GLY B 132 -6.50 4.80 -9.67
C GLY B 132 -6.62 5.83 -8.57
N ASP B 133 -7.81 6.41 -8.47
CA ASP B 133 -8.08 7.51 -7.54
C ASP B 133 -9.47 7.30 -6.98
N LEU B 134 -9.50 6.76 -5.77
CA LEU B 134 -10.69 6.15 -5.16
C LEU B 134 -11.17 7.06 -4.02
N HIS B 135 -12.26 7.79 -4.25
CA HIS B 135 -12.73 8.82 -3.30
C HIS B 135 -13.85 8.35 -2.35
N HIS B 136 -14.74 7.51 -2.86
CA HIS B 136 -16.03 7.25 -2.27
C HIS B 136 -16.16 5.75 -2.13
N VAL B 137 -16.47 5.31 -0.92
CA VAL B 137 -16.75 3.90 -0.62
C VAL B 137 -18.11 3.81 0.09
N HIS B 138 -19.04 3.05 -0.51
CA HIS B 138 -20.40 2.94 0.03
C HIS B 138 -20.86 1.50 0.00
N MET B 139 -21.76 1.16 0.93
CA MET B 139 -22.25 -0.17 1.06
C MET B 139 -23.65 -0.23 0.47
N SER B 140 -24.01 -1.43 -0.02
CA SER B 140 -25.32 -1.71 -0.57
C SER B 140 -26.41 -1.57 0.50
N PHE B 141 -27.60 -1.18 0.06
CA PHE B 141 -28.75 -0.96 0.92
C PHE B 141 -29.90 -1.93 0.65
N THR B 142 -30.66 -2.24 1.71
CA THR B 142 -32.01 -2.81 1.62
C THR B 142 -32.87 -2.00 2.59
N ASP B 143 -33.92 -1.40 2.04
CA ASP B 143 -34.90 -0.61 2.79
C ASP B 143 -34.25 0.48 3.63
N GLY B 144 -33.38 1.27 3.00
CA GLY B 144 -32.75 2.44 3.67
C GLY B 144 -31.71 2.11 4.73
N LYS B 145 -31.32 0.83 4.80
CA LYS B 145 -30.29 0.38 5.73
C LYS B 145 -29.23 -0.45 5.02
N TYR B 146 -28.02 -0.44 5.55
CA TYR B 146 -26.95 -1.27 4.97
C TYR B 146 -27.33 -2.74 5.06
N ASP B 147 -26.93 -3.53 4.07
CA ASP B 147 -27.28 -4.94 4.07
C ASP B 147 -26.09 -5.89 4.00
N GLY B 148 -24.88 -5.31 3.99
CA GLY B 148 -23.64 -6.07 4.12
C GLY B 148 -23.27 -6.94 2.92
N ARG B 149 -23.88 -6.70 1.77
CA ARG B 149 -23.59 -7.52 0.59
C ARG B 149 -22.37 -7.08 -0.22
N TYR B 150 -22.37 -5.81 -0.64
CA TYR B 150 -21.30 -5.22 -1.47
C TYR B 150 -20.88 -3.86 -0.97
N LEU B 151 -19.64 -3.50 -1.30
CA LEU B 151 -19.15 -2.15 -1.25
C LEU B 151 -18.85 -1.67 -2.68
N PHE B 152 -19.10 -0.39 -2.94
CA PHE B 152 -18.91 0.21 -4.22
C PHE B 152 -17.95 1.39 -4.10
N MET B 153 -17.23 1.68 -5.18
CA MET B 153 -16.22 2.75 -5.17
C MET B 153 -15.83 3.18 -6.59
N ASN B 154 -15.31 4.39 -6.69
CA ASN B 154 -15.03 5.06 -7.94
C ASN B 154 -13.53 5.10 -8.23
N ASP B 155 -13.22 5.34 -9.49
CA ASP B 155 -11.85 5.71 -9.92
C ASP B 155 -11.92 6.96 -10.79
N LYS B 156 -11.56 8.11 -10.24
CA LYS B 156 -11.50 9.36 -10.99
C LYS B 156 -10.38 9.40 -12.07
N ALA B 157 -9.30 8.64 -11.89
CA ALA B 157 -8.15 8.76 -12.76
C ALA B 157 -8.38 8.10 -14.12
N ASN B 158 -8.89 6.87 -14.10
CA ASN B 158 -9.09 6.12 -15.36
C ASN B 158 -10.53 5.67 -15.61
N THR B 159 -11.48 6.39 -15.04
CA THR B 159 -12.91 6.34 -15.47
C THR B 159 -13.62 4.97 -15.24
N ARG B 160 -13.60 4.54 -13.99
CA ARG B 160 -14.14 3.26 -13.56
C ARG B 160 -14.90 3.32 -12.24
N VAL B 161 -15.68 2.25 -12.00
CA VAL B 161 -16.26 1.97 -10.70
C VAL B 161 -16.05 0.52 -10.40
N ALA B 162 -15.89 0.20 -9.12
CA ALA B 162 -15.59 -1.17 -8.71
C ALA B 162 -16.56 -1.62 -7.62
N ARG B 163 -16.75 -2.93 -7.56
CA ARG B 163 -17.58 -3.60 -6.58
C ARG B 163 -16.71 -4.60 -5.79
N VAL B 164 -16.77 -4.54 -4.47
CA VAL B 164 -16.09 -5.46 -3.56
C VAL B 164 -17.16 -6.34 -2.89
N ARG B 165 -16.89 -7.64 -2.85
CA ARG B 165 -17.70 -8.63 -2.16
C ARG B 165 -17.36 -8.61 -0.67
N CYS B 166 -18.33 -8.29 0.15
CA CYS B 166 -18.17 -8.34 1.62
C CYS B 166 -17.89 -9.72 2.24
N ASP B 167 -18.35 -10.80 1.62
CA ASP B 167 -18.16 -12.15 2.16
C ASP B 167 -16.69 -12.54 2.26
N VAL B 168 -15.88 -12.04 1.32
CA VAL B 168 -14.43 -12.36 1.30
C VAL B 168 -13.52 -11.13 1.22
N MET B 169 -14.13 -9.94 1.17
CA MET B 169 -13.46 -8.66 1.10
C MET B 169 -12.43 -8.64 -0.01
N LYS B 170 -12.89 -8.93 -1.23
CA LYS B 170 -12.08 -8.82 -2.42
C LYS B 170 -12.93 -8.20 -3.54
N THR B 171 -12.23 -7.47 -4.40
CA THR B 171 -12.81 -6.83 -5.56
C THR B 171 -13.31 -7.93 -6.48
N ASP B 172 -14.56 -7.83 -6.91
CA ASP B 172 -15.12 -8.87 -7.84
C ASP B 172 -15.54 -8.36 -9.20
N ALA B 173 -15.69 -7.05 -9.33
CA ALA B 173 -16.08 -6.44 -10.60
C ALA B 173 -15.57 -5.02 -10.75
N ILE B 174 -15.15 -4.70 -11.97
CA ILE B 174 -14.68 -3.39 -12.38
C ILE B 174 -15.38 -3.05 -13.69
N LEU B 175 -15.89 -1.83 -13.76
CA LEU B 175 -16.63 -1.32 -14.91
C LEU B 175 -16.00 -0.03 -15.41
N GLU B 176 -15.60 -0.03 -16.67
CA GLU B 176 -15.18 1.19 -17.35
C GLU B 176 -16.44 1.90 -17.83
N ILE B 177 -16.65 3.14 -17.39
CA ILE B 177 -17.84 3.88 -17.79
C ILE B 177 -17.64 4.64 -19.11
N PRO B 178 -18.44 4.35 -20.16
CA PRO B 178 -18.37 5.12 -21.40
C PRO B 178 -18.97 6.51 -21.26
N ASN B 179 -18.55 7.42 -22.15
CA ASN B 179 -19.13 8.77 -22.30
C ASN B 179 -18.73 9.76 -21.21
N ALA B 180 -18.92 9.37 -19.96
CA ALA B 180 -18.51 10.22 -18.81
C ALA B 180 -16.98 10.26 -18.71
N LYS B 181 -16.50 11.34 -18.15
CA LYS B 181 -15.10 11.51 -17.87
C LYS B 181 -14.96 12.10 -16.47
N GLY B 182 -13.99 11.56 -15.74
CA GLY B 182 -13.71 12.10 -14.41
C GLY B 182 -14.71 11.62 -13.40
N ILE B 183 -14.82 10.31 -13.22
CA ILE B 183 -15.83 9.72 -12.32
C ILE B 183 -15.48 10.04 -10.88
N HIS B 184 -16.24 10.98 -10.32
CA HIS B 184 -16.00 11.47 -8.97
C HIS B 184 -17.18 11.08 -8.01
N GLY B 185 -18.23 11.87 -7.95
CA GLY B 185 -19.31 11.53 -7.08
C GLY B 185 -19.84 10.16 -7.40
N MET B 186 -20.11 9.38 -6.37
CA MET B 186 -20.73 8.03 -6.55
C MET B 186 -21.43 7.66 -5.25
N ARG B 187 -22.71 7.31 -5.34
CA ARG B 187 -23.47 6.81 -4.20
C ARG B 187 -24.61 5.89 -4.65
N PRO B 188 -24.96 4.90 -3.82
CA PRO B 188 -25.99 3.93 -4.14
C PRO B 188 -27.39 4.44 -3.87
N GLN B 189 -28.35 3.95 -4.65
CA GLN B 189 -29.77 4.04 -4.28
C GLN B 189 -30.00 3.41 -2.92
N LYS B 190 -30.86 4.04 -2.11
CA LYS B 190 -31.13 3.59 -0.75
C LYS B 190 -32.37 2.74 -0.61
N TRP B 191 -33.37 2.99 -1.48
CA TRP B 191 -34.73 2.42 -1.38
C TRP B 191 -35.30 2.07 -2.77
N PRO B 192 -35.92 0.88 -2.90
CA PRO B 192 -36.13 -0.16 -1.87
C PRO B 192 -34.89 -1.00 -1.58
N ARG B 193 -33.96 -0.97 -2.52
CA ARG B 193 -32.62 -1.55 -2.37
C ARG B 193 -31.71 -0.85 -3.32
N SER B 194 -30.41 -1.17 -3.25
CA SER B 194 -29.46 -0.62 -4.18
C SER B 194 -29.55 -1.34 -5.53
N ASN B 195 -30.61 -1.07 -6.29
CA ASN B 195 -30.64 -1.52 -7.69
C ASN B 195 -29.64 -0.77 -8.54
N TYR B 196 -29.52 0.53 -8.28
CA TYR B 196 -28.60 1.42 -8.99
C TYR B 196 -27.48 1.90 -8.06
N VAL B 197 -26.29 2.07 -8.66
CA VAL B 197 -25.25 2.94 -8.12
C VAL B 197 -25.11 4.11 -9.10
N PHE B 198 -25.28 5.31 -8.56
CA PHE B 198 -25.26 6.53 -9.35
C PHE B 198 -23.85 7.08 -9.34
N CYS B 199 -23.40 7.55 -10.50
CA CYS B 199 -22.13 8.26 -10.54
C CYS B 199 -22.01 9.39 -11.54
N ASN B 200 -21.14 10.35 -11.15
CA ASN B 200 -21.00 11.65 -11.79
C ASN B 200 -19.73 11.74 -12.66
N GLY B 201 -19.88 12.31 -13.85
CA GLY B 201 -18.74 12.76 -14.65
C GLY B 201 -18.40 14.22 -14.37
N GLU B 202 -17.28 14.43 -13.72
CA GLU B 202 -16.82 15.77 -13.36
C GLU B 202 -16.21 16.57 -14.53
N ASP B 203 -15.54 15.88 -15.44
CA ASP B 203 -14.81 16.56 -16.49
C ASP B 203 -15.68 16.74 -17.74
N GLU B 204 -15.47 17.84 -18.43
CA GLU B 204 -16.25 18.22 -19.57
C GLU B 204 -15.59 17.67 -20.85
N ALA B 205 -16.35 17.00 -21.72
CA ALA B 205 -15.77 16.56 -23.00
C ALA B 205 -16.83 16.21 -24.07
N PRO B 206 -16.40 16.19 -25.34
CA PRO B 206 -17.32 15.70 -26.35
C PRO B 206 -17.62 14.22 -26.14
N LEU B 207 -18.80 13.75 -26.53
CA LEU B 207 -19.09 12.30 -26.48
C LEU B 207 -18.34 11.46 -27.52
N VAL B 208 -18.20 12.00 -28.71
CA VAL B 208 -17.35 11.40 -29.72
C VAL B 208 -16.04 12.15 -29.61
N ASN B 209 -15.15 11.63 -28.77
CA ASN B 209 -13.96 12.37 -28.39
C ASN B 209 -12.80 11.91 -29.25
N ASP B 210 -12.90 12.23 -30.54
CA ASP B 210 -11.98 11.71 -31.57
C ASP B 210 -11.05 12.80 -32.13
N GLY B 211 -11.04 13.94 -31.44
CA GLY B 211 -10.21 15.08 -31.82
C GLY B 211 -10.84 16.02 -32.83
N SER B 212 -12.01 15.71 -33.37
CA SER B 212 -12.57 16.54 -34.42
C SER B 212 -13.11 17.87 -33.89
N THR B 213 -13.71 17.88 -32.69
CA THR B 213 -14.30 19.10 -32.16
C THR B 213 -13.74 19.40 -30.79
N MET B 214 -12.55 18.88 -30.49
CA MET B 214 -12.02 18.95 -29.12
C MET B 214 -11.76 20.36 -28.59
N THR B 215 -11.54 21.34 -29.46
CA THR B 215 -11.31 22.71 -28.97
C THR B 215 -12.57 23.59 -28.92
N ASP B 216 -13.69 23.07 -29.44
CA ASP B 216 -15.01 23.72 -29.40
C ASP B 216 -15.82 23.31 -28.13
N VAL B 217 -15.83 24.17 -27.11
CA VAL B 217 -16.48 23.86 -25.84
C VAL B 217 -18.00 23.66 -25.99
N ALA B 218 -18.57 24.24 -27.03
CA ALA B 218 -19.99 24.07 -27.33
C ALA B 218 -20.33 22.60 -27.58
N THR B 219 -19.36 21.77 -27.96
CA THR B 219 -19.60 20.36 -28.21
C THR B 219 -19.40 19.45 -26.98
N TYR B 220 -18.96 20.04 -25.87
CA TYR B 220 -18.71 19.29 -24.66
C TYR B 220 -20.01 19.03 -23.93
N VAL B 221 -20.07 17.91 -23.25
CA VAL B 221 -21.23 17.59 -22.43
C VAL B 221 -20.78 16.89 -21.15
N ASN B 222 -21.72 16.73 -20.22
CA ASN B 222 -21.45 16.04 -18.99
C ASN B 222 -22.52 15.00 -18.83
N ILE B 223 -22.15 13.87 -18.26
CA ILE B 223 -23.00 12.71 -18.20
C ILE B 223 -23.14 12.19 -16.76
N PHE B 224 -24.39 11.95 -16.38
CA PHE B 224 -24.77 11.24 -15.18
C PHE B 224 -25.05 9.80 -15.52
N THR B 225 -24.58 8.87 -14.68
CA THR B 225 -24.71 7.42 -14.95
C THR B 225 -25.44 6.67 -13.83
N ALA B 226 -26.36 5.77 -14.19
CA ALA B 226 -26.87 4.74 -13.29
C ALA B 226 -26.28 3.40 -13.67
N VAL B 227 -25.60 2.77 -12.72
CA VAL B 227 -25.01 1.48 -12.87
C VAL B 227 -25.93 0.44 -12.26
N ASP B 228 -26.18 -0.63 -13.01
CA ASP B 228 -26.93 -1.77 -12.51
C ASP B 228 -26.03 -2.49 -11.49
N ALA B 229 -26.35 -2.38 -10.20
CA ALA B 229 -25.50 -2.86 -9.11
C ALA B 229 -25.35 -4.37 -9.05
N ASP B 230 -26.29 -5.12 -9.65
CA ASP B 230 -26.20 -6.57 -9.63
C ASP B 230 -25.35 -7.11 -10.80
N LYS B 231 -25.59 -6.60 -12.01
CA LYS B 231 -24.78 -6.97 -13.21
C LYS B 231 -23.40 -6.26 -13.29
N TRP B 232 -23.26 -5.13 -12.59
CA TRP B 232 -22.09 -4.23 -12.72
C TRP B 232 -21.87 -3.83 -14.18
N GLU B 233 -22.94 -3.28 -14.76
CA GLU B 233 -22.94 -2.76 -16.11
C GLU B 233 -23.80 -1.47 -16.09
N VAL B 234 -23.63 -0.62 -17.10
CA VAL B 234 -24.34 0.65 -17.15
C VAL B 234 -25.79 0.34 -17.43
N ALA B 235 -26.69 0.92 -16.65
CA ALA B 235 -28.11 0.80 -16.89
C ALA B 235 -28.58 1.87 -17.91
N TRP B 236 -28.26 3.12 -17.62
CA TRP B 236 -28.58 4.26 -18.46
C TRP B 236 -27.73 5.49 -18.05
N GLN B 237 -27.67 6.47 -18.95
CA GLN B 237 -27.05 7.79 -18.72
C GLN B 237 -27.95 8.95 -19.07
N VAL B 238 -27.65 10.11 -18.47
CA VAL B 238 -28.38 11.34 -18.72
C VAL B 238 -27.38 12.46 -19.06
N LYS B 239 -27.55 13.10 -20.21
CA LYS B 239 -26.80 14.31 -20.56
C LYS B 239 -27.32 15.42 -19.70
N VAL B 240 -26.42 16.20 -19.12
CA VAL B 240 -26.77 17.35 -18.28
C VAL B 240 -25.99 18.60 -18.69
N SER B 241 -26.51 19.74 -18.26
CA SER B 241 -25.91 21.05 -18.47
C SER B 241 -25.00 21.37 -17.28
N GLY B 242 -23.76 21.74 -17.53
CA GLY B 242 -22.77 21.92 -16.47
C GLY B 242 -22.20 20.63 -15.95
N ASN B 243 -21.12 20.74 -15.19
CA ASN B 243 -20.50 19.54 -14.71
C ASN B 243 -21.18 18.89 -13.52
N LEU B 244 -20.60 17.81 -12.99
CA LEU B 244 -21.20 17.07 -11.90
C LEU B 244 -20.11 16.70 -10.87
N ASP B 245 -20.36 17.02 -9.62
CA ASP B 245 -19.36 16.92 -8.53
C ASP B 245 -19.76 15.73 -7.64
N ASN B 246 -20.57 15.96 -6.60
CA ASN B 246 -21.00 14.91 -5.67
C ASN B 246 -22.47 14.55 -5.87
N CYS B 247 -22.87 13.32 -5.51
CA CYS B 247 -24.26 12.91 -5.71
C CYS B 247 -24.79 12.13 -4.52
N ASP B 248 -26.11 12.10 -4.37
CA ASP B 248 -26.76 11.26 -3.38
C ASP B 248 -28.12 10.79 -3.91
N ALA B 249 -28.84 10.03 -3.09
CA ALA B 249 -30.16 9.57 -3.43
C ALA B 249 -31.09 9.80 -2.24
N ASP B 250 -32.40 9.66 -2.48
CA ASP B 250 -33.41 9.88 -1.48
C ASP B 250 -33.72 8.58 -0.80
N TYR B 251 -34.72 8.59 0.07
CA TYR B 251 -35.08 7.45 0.87
C TYR B 251 -36.35 6.77 0.36
N GLU B 252 -36.86 7.22 -0.79
CA GLU B 252 -38.01 6.60 -1.43
C GLU B 252 -37.75 6.04 -2.82
N GLY B 253 -36.53 6.20 -3.33
CA GLY B 253 -36.12 5.70 -4.64
C GLY B 253 -36.60 6.59 -5.77
N LYS B 254 -37.18 7.73 -5.45
CA LYS B 254 -37.74 8.64 -6.47
C LYS B 254 -36.73 9.50 -7.19
N TRP B 255 -35.64 9.82 -6.50
CA TRP B 255 -34.71 10.87 -6.94
C TRP B 255 -33.25 10.45 -6.77
N ALA B 256 -32.41 11.03 -7.62
CA ALA B 256 -30.99 11.18 -7.35
C ALA B 256 -30.69 12.66 -7.51
N PHE B 257 -29.57 13.10 -6.99
CA PHE B 257 -29.23 14.54 -7.12
C PHE B 257 -27.75 14.72 -7.10
N SER B 258 -27.26 15.74 -7.82
CA SER B 258 -25.81 16.02 -7.87
C SER B 258 -25.53 17.51 -7.89
N THR B 259 -24.45 17.89 -7.23
CA THR B 259 -23.99 19.24 -7.34
C THR B 259 -23.20 19.43 -8.63
N SER B 260 -23.08 20.70 -9.05
CA SER B 260 -22.30 21.18 -10.19
C SER B 260 -21.55 22.40 -9.75
N TYR B 261 -20.24 22.42 -9.98
CA TYR B 261 -19.48 23.63 -9.73
C TYR B 261 -19.15 24.43 -10.98
N ASN B 262 -19.25 23.79 -12.14
CA ASN B 262 -18.93 24.46 -13.38
C ASN B 262 -20.15 24.58 -14.24
N SER B 263 -21.18 25.28 -13.76
CA SER B 263 -22.36 25.48 -14.58
C SER B 263 -22.05 26.41 -15.74
N GLU B 264 -20.96 27.17 -15.60
CA GLU B 264 -20.43 28.08 -16.62
C GLU B 264 -19.85 27.36 -17.87
N MET B 265 -19.56 26.07 -17.73
CA MET B 265 -18.72 25.36 -18.73
C MET B 265 -17.41 26.13 -18.99
N GLY B 266 -16.78 26.63 -17.92
CA GLY B 266 -15.52 27.34 -18.03
C GLY B 266 -14.35 26.40 -18.09
N MET B 267 -13.24 26.89 -18.65
CA MET B 267 -12.09 26.05 -18.89
C MET B 267 -10.87 26.49 -18.09
N THR B 268 -11.06 27.48 -17.22
CA THR B 268 -10.01 27.97 -16.33
C THR B 268 -10.70 28.30 -15.03
N LEU B 269 -9.92 28.36 -13.97
CA LEU B 269 -10.42 28.70 -12.65
C LEU B 269 -11.37 29.90 -12.66
N GLU B 270 -10.94 30.96 -13.32
CA GLU B 270 -11.70 32.20 -13.37
C GLU B 270 -13.06 31.99 -14.01
N GLU B 271 -13.10 31.29 -15.14
CA GLU B 271 -14.38 31.03 -15.81
C GLU B 271 -15.28 30.09 -15.02
N MET B 272 -14.69 29.17 -14.26
CA MET B 272 -15.43 28.19 -13.47
C MET B 272 -16.06 28.82 -12.20
N THR B 273 -15.58 30.02 -11.88
CA THR B 273 -16.00 30.74 -10.69
C THR B 273 -16.71 32.05 -11.02
N LYS B 274 -17.00 32.28 -12.30
CA LYS B 274 -17.59 33.57 -12.76
C LYS B 274 -19.01 33.75 -12.22
N SER B 275 -19.82 32.68 -12.16
CA SER B 275 -21.24 32.90 -11.78
C SER B 275 -21.45 33.03 -10.30
N GLU B 276 -22.49 33.76 -9.88
CA GLU B 276 -22.79 33.86 -8.48
C GLU B 276 -23.38 32.56 -7.96
N MET B 277 -24.06 31.82 -8.84
CA MET B 277 -24.61 30.52 -8.46
C MET B 277 -24.36 29.47 -9.53
N ASP B 278 -24.21 28.24 -9.07
CA ASP B 278 -24.25 27.10 -9.95
C ASP B 278 -25.56 26.40 -9.63
N HIS B 279 -25.54 25.07 -9.40
CA HIS B 279 -26.79 24.35 -9.22
C HIS B 279 -26.65 22.98 -8.58
N VAL B 280 -27.79 22.46 -8.10
CA VAL B 280 -27.97 21.04 -7.92
C VAL B 280 -28.96 20.58 -8.99
N VAL B 281 -28.67 19.41 -9.57
CA VAL B 281 -29.53 18.82 -10.57
C VAL B 281 -30.25 17.69 -9.88
N VAL B 282 -31.57 17.66 -10.02
CA VAL B 282 -32.40 16.58 -9.50
C VAL B 282 -32.81 15.70 -10.67
N PHE B 283 -32.60 14.41 -10.53
CA PHE B 283 -32.95 13.40 -11.51
C PHE B 283 -34.24 12.68 -11.11
N ASN B 284 -35.20 12.72 -11.99
CA ASN B 284 -36.48 12.03 -11.81
C ASN B 284 -36.39 10.58 -12.30
N ILE B 285 -36.16 9.67 -11.36
CA ILE B 285 -35.81 8.29 -11.73
C ILE B 285 -37.01 7.65 -12.48
N ALA B 286 -38.23 7.88 -11.99
CA ALA B 286 -39.40 7.28 -12.64
C ALA B 286 -39.56 7.72 -14.10
N GLU B 287 -39.32 8.98 -14.42
CA GLU B 287 -39.50 9.48 -15.80
C GLU B 287 -38.40 8.93 -16.70
N ILE B 288 -37.18 8.85 -16.15
CA ILE B 288 -36.04 8.24 -16.89
C ILE B 288 -36.31 6.80 -17.23
N GLU B 289 -36.77 6.05 -16.24
CA GLU B 289 -37.05 4.64 -16.48
C GLU B 289 -38.17 4.43 -17.51
N LYS B 290 -39.20 5.29 -17.42
CA LYS B 290 -40.28 5.34 -18.39
C LYS B 290 -39.75 5.47 -19.84
N ALA B 291 -38.84 6.42 -20.04
CA ALA B 291 -38.26 6.70 -21.34
C ALA B 291 -37.41 5.54 -21.82
N ILE B 292 -36.64 4.96 -20.92
CA ILE B 292 -35.81 3.79 -21.25
C ILE B 292 -36.70 2.60 -21.68
N LYS B 293 -37.77 2.35 -20.93
CA LYS B 293 -38.67 1.27 -21.23
C LYS B 293 -39.25 1.37 -22.65
N ALA B 294 -39.64 2.60 -23.04
CA ALA B 294 -40.24 2.89 -24.32
C ALA B 294 -39.27 3.01 -25.50
N GLY B 295 -37.98 2.89 -25.24
CA GLY B 295 -36.99 2.99 -26.29
C GLY B 295 -36.73 4.40 -26.73
N GLN B 296 -37.10 5.35 -25.89
CA GLN B 296 -36.96 6.79 -26.15
C GLN B 296 -35.58 7.30 -25.66
N TYR B 297 -34.52 6.91 -26.36
CA TYR B 297 -33.14 7.22 -25.97
C TYR B 297 -32.21 7.02 -27.19
N GLU B 298 -30.99 7.55 -27.11
CA GLU B 298 -29.96 7.30 -28.12
C GLU B 298 -28.96 6.30 -27.57
N GLU B 299 -28.44 5.45 -28.45
CA GLU B 299 -27.35 4.55 -28.08
C GLU B 299 -26.06 5.27 -28.42
N ILE B 300 -25.25 5.53 -27.39
CA ILE B 300 -23.97 6.25 -27.60
C ILE B 300 -22.90 5.40 -26.97
N ASN B 301 -21.90 5.02 -27.75
CA ASN B 301 -20.82 4.18 -27.22
C ASN B 301 -21.40 3.00 -26.43
N GLY B 302 -22.46 2.42 -26.96
CA GLY B 302 -23.03 1.21 -26.40
C GLY B 302 -23.96 1.35 -25.22
N VAL B 303 -24.26 2.57 -24.77
CA VAL B 303 -25.17 2.69 -23.63
C VAL B 303 -26.38 3.54 -23.98
N LYS B 304 -27.41 3.44 -23.15
CA LYS B 304 -28.71 4.07 -23.38
C LYS B 304 -28.67 5.45 -22.73
N VAL B 305 -28.85 6.51 -23.52
CA VAL B 305 -28.64 7.89 -23.05
C VAL B 305 -29.86 8.75 -23.35
N VAL B 306 -30.32 9.49 -22.33
CA VAL B 306 -31.42 10.44 -22.49
C VAL B 306 -30.84 11.84 -22.37
N ASP B 307 -31.58 12.83 -22.88
CA ASP B 307 -31.15 14.20 -22.85
C ASP B 307 -31.83 14.99 -21.74
N GLY B 308 -31.05 15.26 -20.70
CA GLY B 308 -31.52 16.07 -19.59
C GLY B 308 -30.96 17.49 -19.51
N ARG B 309 -30.38 18.00 -20.59
CA ARG B 309 -29.86 19.36 -20.63
C ARG B 309 -31.00 20.36 -20.51
N LYS B 310 -30.67 21.54 -19.98
CA LYS B 310 -31.69 22.58 -19.74
C LYS B 310 -32.52 22.87 -21.00
N GLU B 311 -31.87 23.00 -22.14
CA GLU B 311 -32.59 23.34 -23.38
C GLU B 311 -33.52 22.23 -23.90
N ALA B 312 -33.30 20.98 -23.46
CA ALA B 312 -34.23 19.89 -23.82
C ALA B 312 -35.63 20.07 -23.21
N LYS B 313 -35.74 20.82 -22.11
CA LYS B 313 -37.01 21.04 -21.42
C LYS B 313 -37.67 19.70 -21.04
N SER B 314 -36.85 18.75 -20.61
CA SER B 314 -37.29 17.39 -20.38
C SER B 314 -37.97 17.22 -19.02
N LEU B 315 -38.56 16.02 -18.82
CA LEU B 315 -39.03 15.62 -17.48
C LEU B 315 -37.98 14.88 -16.62
N PHE B 316 -36.75 14.81 -17.11
CA PHE B 316 -35.76 13.96 -16.48
C PHE B 316 -35.03 14.70 -15.38
N THR B 317 -34.97 16.03 -15.51
CA THR B 317 -34.05 16.84 -14.68
C THR B 317 -34.73 18.17 -14.31
N ARG B 318 -34.45 18.67 -13.10
CA ARG B 318 -34.67 20.08 -12.72
C ARG B 318 -33.38 20.63 -12.11
N TYR B 319 -33.08 21.90 -12.41
CA TYR B 319 -31.85 22.56 -11.94
C TYR B 319 -32.23 23.61 -10.89
N ILE B 320 -31.67 23.48 -9.70
CA ILE B 320 -31.97 24.36 -8.59
C ILE B 320 -30.73 25.21 -8.34
N PRO B 321 -30.81 26.54 -8.53
CA PRO B 321 -29.65 27.43 -8.34
C PRO B 321 -29.12 27.39 -6.89
N ILE B 322 -27.80 27.21 -6.74
CA ILE B 322 -27.11 27.07 -5.44
C ILE B 322 -25.75 27.76 -5.53
N ALA B 323 -25.45 28.59 -4.52
CA ALA B 323 -24.16 29.25 -4.36
C ALA B 323 -23.24 28.34 -3.58
N ASN B 324 -21.93 28.23 -3.90
CA ASN B 324 -21.24 28.85 -5.05
C ASN B 324 -20.07 27.89 -5.33
N ASN B 325 -20.08 27.27 -6.50
CA ASN B 325 -19.29 26.06 -6.71
C ASN B 325 -19.55 25.07 -5.58
N PRO B 326 -20.82 24.69 -5.35
CA PRO B 326 -21.18 23.78 -4.29
C PRO B 326 -20.56 22.42 -4.43
N HIS B 327 -20.40 21.70 -3.31
CA HIS B 327 -19.58 20.48 -3.31
C HIS B 327 -20.40 19.29 -2.76
N GLY B 328 -20.39 19.09 -1.44
CA GLY B 328 -21.11 18.00 -0.79
C GLY B 328 -22.60 18.03 -1.05
N CYS B 329 -23.15 16.83 -1.19
CA CYS B 329 -24.54 16.61 -1.58
C CYS B 329 -25.03 15.48 -0.68
N ASN B 330 -25.55 15.82 0.50
CA ASN B 330 -25.69 14.82 1.58
C ASN B 330 -27.15 14.72 2.06
N MET B 331 -27.75 13.55 1.90
CA MET B 331 -29.16 13.33 2.23
C MET B 331 -29.31 12.95 3.71
N ALA B 332 -30.18 13.66 4.44
CA ALA B 332 -30.38 13.43 5.89
C ALA B 332 -31.25 12.22 6.25
N PRO B 333 -30.97 11.57 7.42
CA PRO B 333 -31.75 10.39 7.81
C PRO B 333 -33.21 10.65 8.23
N ASP B 334 -33.62 11.92 8.28
CA ASP B 334 -35.03 12.27 8.46
C ASP B 334 -35.87 12.03 7.21
N ARG B 335 -35.19 11.66 6.11
CA ARG B 335 -35.82 11.26 4.84
C ARG B 335 -36.41 12.42 4.04
N LYS B 336 -36.18 13.65 4.50
CA LYS B 336 -36.76 14.84 3.92
C LYS B 336 -35.74 15.86 3.42
N HIS B 337 -34.62 16.03 4.12
CA HIS B 337 -33.74 17.18 3.88
C HIS B 337 -32.43 16.80 3.25
N LEU B 338 -32.12 17.47 2.15
CA LEU B 338 -30.87 17.29 1.44
C LEU B 338 -30.04 18.53 1.75
N CYS B 339 -28.85 18.33 2.31
CA CYS B 339 -27.92 19.41 2.61
C CYS B 339 -26.83 19.55 1.55
N VAL B 340 -26.77 20.74 0.97
CA VAL B 340 -25.83 21.06 -0.05
C VAL B 340 -24.75 22.03 0.45
N ALA B 341 -23.53 21.55 0.50
CA ALA B 341 -22.43 22.38 1.01
C ALA B 341 -22.02 23.47 0.00
N GLY B 342 -21.99 24.71 0.46
CA GLY B 342 -21.74 25.86 -0.44
C GLY B 342 -20.34 26.16 -0.97
N LYS B 343 -19.32 25.57 -0.34
CA LYS B 343 -17.89 25.73 -0.65
C LYS B 343 -17.40 27.18 -0.71
N LEU B 344 -17.54 27.85 -1.84
CA LEU B 344 -17.06 29.22 -2.01
C LEU B 344 -18.10 30.25 -1.48
N SER B 345 -19.26 29.76 -1.03
CA SER B 345 -20.21 30.54 -0.24
C SER B 345 -20.20 29.92 1.14
N PRO B 346 -20.19 30.73 2.21
CA PRO B 346 -20.04 30.20 3.57
C PRO B 346 -21.36 29.65 4.17
N THR B 347 -22.08 28.89 3.36
CA THR B 347 -23.44 28.45 3.64
C THR B 347 -23.62 26.94 3.33
N VAL B 348 -24.65 26.35 3.93
CA VAL B 348 -25.21 25.09 3.48
C VAL B 348 -26.64 25.40 3.10
N THR B 349 -27.01 25.03 1.90
CA THR B 349 -28.40 25.10 1.48
C THR B 349 -29.12 23.79 1.76
N VAL B 350 -30.26 23.92 2.43
CA VAL B 350 -31.08 22.79 2.75
C VAL B 350 -32.31 22.71 1.80
N LEU B 351 -32.42 21.61 1.08
CA LEU B 351 -33.57 21.34 0.20
C LEU B 351 -34.53 20.35 0.82
N ASP B 352 -35.83 20.54 0.65
CA ASP B 352 -36.82 19.58 1.07
C ASP B 352 -37.26 18.75 -0.15
N VAL B 353 -36.86 17.47 -0.17
CA VAL B 353 -37.09 16.62 -1.37
C VAL B 353 -38.59 16.36 -1.63
N THR B 354 -39.43 16.51 -0.60
CA THR B 354 -40.89 16.42 -0.75
C THR B 354 -41.49 17.57 -1.57
N LYS B 355 -40.72 18.63 -1.77
CA LYS B 355 -41.04 19.72 -2.70
C LYS B 355 -40.61 19.52 -4.15
N PHE B 356 -39.91 18.43 -4.47
CA PHE B 356 -39.35 18.23 -5.81
C PHE B 356 -40.42 17.92 -6.84
N ASP B 357 -41.44 17.18 -6.44
CA ASP B 357 -42.51 16.81 -7.38
C ASP B 357 -43.10 18.06 -8.01
N ALA B 358 -43.34 19.10 -7.21
CA ALA B 358 -43.97 20.30 -7.74
C ALA B 358 -43.07 21.03 -8.74
N LEU B 359 -41.74 20.81 -8.69
CA LEU B 359 -40.84 21.42 -9.69
C LEU B 359 -41.09 20.81 -11.07
N PHE B 360 -41.44 19.53 -11.06
CA PHE B 360 -41.60 18.75 -12.29
C PHE B 360 -43.02 18.83 -12.80
N TYR B 361 -44.00 18.87 -11.89
CA TYR B 361 -45.39 18.67 -12.26
C TYR B 361 -46.32 19.84 -11.99
N ASP B 362 -45.85 20.86 -11.28
CA ASP B 362 -46.76 21.96 -10.90
C ASP B 362 -46.09 23.33 -11.13
N ASN B 363 -45.13 23.37 -12.05
CA ASN B 363 -44.53 24.62 -12.49
C ASN B 363 -43.92 25.46 -11.34
N ALA B 364 -43.52 24.82 -10.24
CA ALA B 364 -42.95 25.54 -9.10
C ALA B 364 -41.58 26.13 -9.45
N GLU B 365 -41.24 27.28 -8.83
CA GLU B 365 -39.94 27.93 -9.01
C GLU B 365 -38.86 27.04 -8.41
N PRO B 366 -37.70 26.91 -9.07
CA PRO B 366 -36.72 25.94 -8.53
C PRO B 366 -36.33 26.17 -7.07
N ARG B 367 -36.23 27.43 -6.64
CA ARG B 367 -35.78 27.68 -5.25
C ARG B 367 -36.90 27.44 -4.26
N SER B 368 -38.09 27.13 -4.73
CA SER B 368 -39.18 26.75 -3.84
C SER B 368 -38.86 25.56 -2.94
N ALA B 369 -37.94 24.71 -3.36
CA ALA B 369 -37.56 23.59 -2.54
C ALA B 369 -36.58 23.97 -1.41
N VAL B 370 -36.02 25.18 -1.46
CA VAL B 370 -35.07 25.62 -0.43
C VAL B 370 -35.86 25.92 0.87
N VAL B 371 -35.48 25.26 1.97
CA VAL B 371 -36.10 25.51 3.26
C VAL B 371 -35.16 26.04 4.35
N ALA B 372 -33.84 26.04 4.10
CA ALA B 372 -32.90 26.69 5.01
C ALA B 372 -31.62 27.04 4.27
N GLU B 373 -30.87 28.02 4.78
CA GLU B 373 -29.58 28.36 4.25
C GLU B 373 -28.70 29.05 5.29
N PRO B 374 -28.31 28.30 6.33
CA PRO B 374 -27.56 28.90 7.41
C PRO B 374 -26.17 29.33 6.97
N GLU B 375 -25.70 30.48 7.47
CA GLU B 375 -24.32 30.85 7.31
C GLU B 375 -23.52 30.15 8.41
N LEU B 376 -22.62 29.24 8.02
CA LEU B 376 -21.92 28.40 8.97
C LEU B 376 -20.46 28.77 9.15
N GLY B 377 -19.82 29.34 8.12
CA GLY B 377 -18.40 29.70 8.21
C GLY B 377 -17.76 29.41 6.88
N LEU B 378 -16.44 29.66 6.79
CA LEU B 378 -15.72 29.63 5.52
C LEU B 378 -15.31 28.24 5.02
N GLY B 379 -15.66 28.00 3.75
CA GLY B 379 -15.33 26.78 3.04
C GLY B 379 -16.05 25.48 3.45
N PRO B 380 -17.39 25.51 3.56
CA PRO B 380 -18.14 24.28 3.88
C PRO B 380 -18.06 23.27 2.75
N LEU B 381 -17.65 22.04 3.04
CA LEU B 381 -17.49 21.01 2.02
C LEU B 381 -18.49 19.85 2.07
N HIS B 382 -18.74 19.33 3.28
CA HIS B 382 -19.54 18.14 3.45
C HIS B 382 -20.30 18.22 4.77
N THR B 383 -21.40 17.44 4.83
CA THR B 383 -22.26 17.35 5.98
C THR B 383 -22.56 15.90 6.34
N ALA B 384 -22.46 15.58 7.62
CA ALA B 384 -22.83 14.27 8.19
C ALA B 384 -23.94 14.46 9.19
N PHE B 385 -24.63 13.37 9.58
CA PHE B 385 -25.87 13.44 10.38
C PHE B 385 -25.86 12.43 11.51
N ASP B 386 -26.30 12.83 12.70
CA ASP B 386 -26.56 11.88 13.75
C ASP B 386 -28.04 11.47 13.74
N GLY B 387 -28.45 10.67 14.71
CA GLY B 387 -29.81 10.17 14.78
C GLY B 387 -30.75 11.10 15.55
N ARG B 388 -30.29 12.33 15.81
CA ARG B 388 -31.00 13.29 16.67
C ARG B 388 -31.32 14.64 16.01
N GLY B 389 -31.24 14.67 14.68
CA GLY B 389 -31.62 15.82 13.89
C GLY B 389 -30.52 16.84 13.72
N ASN B 390 -29.30 16.49 14.15
CA ASN B 390 -28.18 17.38 14.01
C ASN B 390 -27.35 17.03 12.78
N ALA B 391 -26.72 18.07 12.27
CA ALA B 391 -25.83 18.02 11.14
C ALA B 391 -24.46 18.47 11.62
N TYR B 392 -23.43 17.94 10.99
CA TYR B 392 -22.07 18.28 11.31
C TYR B 392 -21.45 18.59 9.98
N THR B 393 -20.99 19.82 9.79
CA THR B 393 -20.45 20.27 8.52
C THR B 393 -18.97 20.66 8.65
N SER B 394 -18.17 20.26 7.67
CA SER B 394 -16.75 20.59 7.64
C SER B 394 -16.55 22.00 7.06
N LEU B 395 -15.76 22.82 7.77
CA LEU B 395 -15.33 24.14 7.29
C LEU B 395 -13.85 24.09 6.95
N PHE B 396 -13.57 23.94 5.65
CA PHE B 396 -12.18 23.75 5.22
C PHE B 396 -11.28 24.92 5.59
N LEU B 397 -11.76 26.14 5.39
CA LEU B 397 -10.92 27.31 5.50
C LEU B 397 -10.85 27.74 6.96
N ASP B 398 -11.99 27.70 7.67
CA ASP B 398 -11.98 27.96 9.11
C ASP B 398 -11.31 26.86 9.94
N SER B 399 -11.14 25.69 9.32
CA SER B 399 -10.58 24.46 9.92
C SER B 399 -11.34 24.02 11.18
N GLN B 400 -12.64 23.86 10.99
CA GLN B 400 -13.57 23.48 12.04
C GLN B 400 -14.61 22.51 11.55
N VAL B 401 -15.18 21.80 12.52
CA VAL B 401 -16.47 21.15 12.37
C VAL B 401 -17.53 22.00 13.08
N VAL B 402 -18.63 22.25 12.35
CA VAL B 402 -19.79 22.97 12.93
C VAL B 402 -20.96 22.04 13.13
N LYS B 403 -21.49 22.01 14.34
CA LYS B 403 -22.66 21.23 14.67
C LYS B 403 -23.87 22.15 14.67
N TRP B 404 -24.89 21.78 13.90
CA TRP B 404 -26.09 22.60 13.83
C TRP B 404 -27.34 21.71 13.72
N ASN B 405 -28.49 22.27 14.09
CA ASN B 405 -29.74 21.48 14.10
C ASN B 405 -30.58 21.89 12.92
N ILE B 406 -30.96 20.90 12.13
CA ILE B 406 -31.57 21.15 10.84
C ILE B 406 -32.93 21.81 11.06
N ASP B 407 -33.75 21.22 11.91
CA ASP B 407 -35.10 21.76 12.13
C ASP B 407 -35.02 23.20 12.68
N GLU B 408 -34.03 23.52 13.51
CA GLU B 408 -33.90 24.92 13.96
C GLU B 408 -33.52 25.85 12.80
N ALA B 409 -32.67 25.36 11.89
CA ALA B 409 -32.27 26.18 10.73
C ALA B 409 -33.49 26.53 9.86
N ILE B 410 -34.39 25.57 9.74
CA ILE B 410 -35.61 25.69 8.94
C ILE B 410 -36.50 26.76 9.57
N ARG B 411 -36.61 26.72 10.90
CA ARG B 411 -37.34 27.75 11.66
C ARG B 411 -36.71 29.14 11.47
N ALA B 412 -35.38 29.23 11.64
CA ALA B 412 -34.66 30.47 11.42
C ALA B 412 -34.87 31.04 10.01
N TYR B 413 -34.83 30.19 9.00
CA TYR B 413 -35.06 30.61 7.63
C TYR B 413 -36.47 31.20 7.44
N ALA B 414 -37.45 30.70 8.20
CA ALA B 414 -38.82 31.18 8.13
C ALA B 414 -38.98 32.45 8.92
N GLY B 415 -38.00 32.85 9.71
CA GLY B 415 -38.07 34.18 10.38
C GLY B 415 -37.95 34.15 11.89
N GLU B 416 -38.06 32.95 12.45
CA GLU B 416 -37.88 32.78 13.87
C GLU B 416 -36.53 33.25 14.34
N LYS B 417 -36.50 33.96 15.47
CA LYS B 417 -35.22 34.45 16.00
C LYS B 417 -34.50 33.36 16.79
N ILE B 418 -33.78 32.51 16.07
CA ILE B 418 -33.17 31.31 16.66
C ILE B 418 -31.86 31.05 15.92
N ASN B 419 -30.81 30.68 16.67
CA ASN B 419 -29.50 30.34 16.09
C ASN B 419 -29.40 28.83 16.06
N PRO B 420 -29.33 28.25 14.84
CA PRO B 420 -29.30 26.80 14.76
C PRO B 420 -27.92 26.16 15.07
N ILE B 421 -26.90 26.98 15.17
CA ILE B 421 -25.55 26.49 15.47
C ILE B 421 -25.39 26.16 16.94
N LYS B 422 -24.91 24.95 17.21
CA LYS B 422 -24.80 24.39 18.55
C LYS B 422 -23.39 24.39 19.12
N ASP B 423 -22.40 24.16 18.27
CA ASP B 423 -21.01 24.08 18.68
C ASP B 423 -20.12 24.17 17.46
N LYS B 424 -18.89 24.65 17.65
CA LYS B 424 -17.86 24.61 16.61
C LYS B 424 -16.60 24.07 17.26
N LEU B 425 -15.98 23.11 16.63
CA LEU B 425 -14.77 22.51 17.13
C LEU B 425 -13.64 22.70 16.10
N ASP B 426 -12.52 23.23 16.55
CA ASP B 426 -11.32 23.37 15.76
C ASP B 426 -10.76 21.95 15.52
N VAL B 427 -10.36 21.71 14.30
CA VAL B 427 -9.75 20.47 13.88
C VAL B 427 -8.44 20.76 13.18
N GLN B 428 -7.62 19.70 13.04
CA GLN B 428 -6.20 19.88 12.69
C GLN B 428 -5.81 18.96 11.56
N TYR B 429 -5.86 19.41 10.28
CA TYR B 429 -6.22 20.74 9.82
C TYR B 429 -6.89 20.61 8.44
N GLN B 430 -7.81 21.51 8.12
CA GLN B 430 -8.41 21.60 6.78
C GLN B 430 -9.27 20.35 6.48
N PRO B 431 -10.45 20.26 7.12
CA PRO B 431 -11.33 19.09 7.00
C PRO B 431 -12.03 18.99 5.63
N GLY B 432 -12.10 17.77 5.12
CA GLY B 432 -12.82 17.44 3.91
C GLY B 432 -14.10 16.69 4.27
N HIS B 433 -14.19 15.41 3.88
CA HIS B 433 -15.30 14.60 4.31
C HIS B 433 -15.35 14.38 5.83
N LEU B 434 -16.56 14.17 6.33
CA LEU B 434 -16.76 13.71 7.68
C LEU B 434 -17.97 12.81 7.72
N LYS B 435 -18.00 11.92 8.70
CA LYS B 435 -19.02 10.89 8.73
C LYS B 435 -19.27 10.38 10.13
N THR B 436 -20.55 10.16 10.39
CA THR B 436 -21.05 9.54 11.59
C THR B 436 -21.25 8.06 11.30
N VAL B 437 -21.43 7.25 12.36
CA VAL B 437 -21.63 5.83 12.24
C VAL B 437 -22.99 5.56 11.58
N MET B 438 -22.94 4.92 10.42
CA MET B 438 -24.13 4.62 9.62
C MET B 438 -24.97 5.85 9.26
N GLY B 439 -24.29 6.99 9.13
CA GLY B 439 -24.96 8.29 8.93
C GLY B 439 -25.70 8.50 7.63
N GLU B 440 -25.39 7.66 6.64
CA GLU B 440 -26.08 7.72 5.38
C GLU B 440 -27.22 6.71 5.27
N THR B 441 -27.69 6.23 6.44
CA THR B 441 -28.77 5.25 6.56
C THR B 441 -29.71 5.68 7.65
N LEU B 442 -30.85 4.98 7.71
CA LEU B 442 -31.87 5.23 8.73
C LEU B 442 -31.33 4.92 10.15
N ASP B 443 -30.26 4.13 10.26
CA ASP B 443 -29.66 3.80 11.57
C ASP B 443 -28.55 4.78 12.02
N ALA B 444 -28.51 5.98 11.42
CA ALA B 444 -27.51 6.97 11.81
C ALA B 444 -27.42 7.05 13.35
N ALA B 445 -26.20 7.02 13.86
CA ALA B 445 -25.93 6.89 15.30
C ALA B 445 -25.42 8.17 15.92
N ASN B 446 -25.27 8.15 17.26
CA ASN B 446 -25.04 9.34 18.03
C ASN B 446 -23.72 9.45 18.77
N ASP B 447 -22.80 8.48 18.58
CA ASP B 447 -21.60 8.36 19.42
C ASP B 447 -20.35 9.05 18.83
N TRP B 448 -20.06 8.75 17.57
CA TRP B 448 -18.78 9.10 16.95
C TRP B 448 -18.94 9.84 15.65
N LEU B 449 -17.96 10.67 15.37
CA LEU B 449 -17.84 11.38 14.11
C LEU B 449 -16.36 11.25 13.74
N VAL B 450 -16.08 10.91 12.50
CA VAL B 450 -14.73 10.90 11.95
C VAL B 450 -14.58 12.08 11.03
N CYS B 451 -13.53 12.86 11.23
CA CYS B 451 -13.27 14.03 10.38
C CYS B 451 -11.98 13.83 9.61
N LEU B 452 -12.04 13.81 8.27
CA LEU B 452 -10.92 13.39 7.44
C LEU B 452 -10.23 14.65 6.92
N CYS B 453 -9.23 15.08 7.67
CA CYS B 453 -8.51 16.31 7.43
C CYS B 453 -7.39 16.12 6.42
N LYS B 454 -7.03 17.19 5.71
CA LYS B 454 -6.13 17.07 4.52
C LYS B 454 -4.68 17.44 4.81
N PHE B 455 -4.48 18.13 5.92
CA PHE B 455 -3.14 18.50 6.39
C PHE B 455 -2.96 17.96 7.81
N SER B 456 -1.74 17.54 8.14
CA SER B 456 -1.45 17.14 9.51
C SER B 456 -0.39 18.03 10.15
N LYS B 457 0.45 18.64 9.33
CA LYS B 457 1.45 19.62 9.82
C LYS B 457 2.23 19.10 11.03
N ASP B 458 2.05 19.71 12.21
CA ASP B 458 2.80 19.40 13.47
C ASP B 458 2.17 18.34 14.35
N ARG B 459 1.11 17.68 13.90
CA ARG B 459 0.39 16.75 14.76
C ARG B 459 1.08 15.41 15.02
N PHE B 460 2.07 15.07 14.19
CA PHE B 460 2.80 13.80 14.35
C PHE B 460 4.29 14.08 14.21
N LEU B 461 5.11 13.15 14.63
CA LEU B 461 6.54 13.21 14.31
C LEU B 461 6.74 13.52 12.82
N ASN B 462 7.67 14.42 12.51
CA ASN B 462 7.96 14.77 11.12
C ASN B 462 8.49 13.54 10.36
N VAL B 463 7.83 13.21 9.28
CA VAL B 463 8.32 12.12 8.35
C VAL B 463 8.79 12.63 7.00
N GLY B 464 8.99 13.92 6.87
CA GLY B 464 9.56 14.49 5.65
C GLY B 464 8.62 15.36 4.85
N PRO B 465 9.03 15.72 3.61
CA PRO B 465 8.15 16.58 2.78
C PRO B 465 6.73 16.05 2.51
N LEU B 466 6.56 14.75 2.46
CA LEU B 466 5.22 14.15 2.33
C LEU B 466 4.74 13.75 3.71
N LYS B 467 3.60 14.30 4.13
CA LYS B 467 3.05 14.03 5.47
C LYS B 467 1.73 13.26 5.46
N PRO B 468 1.42 12.55 6.55
CA PRO B 468 0.11 11.89 6.53
C PRO B 468 -1.06 12.85 6.58
N GLU B 469 -2.23 12.36 6.16
CA GLU B 469 -3.51 13.02 6.50
C GLU B 469 -3.81 12.81 8.01
N ASN B 470 -4.76 13.57 8.57
CA ASN B 470 -5.17 13.35 9.93
C ASN B 470 -6.68 13.07 9.97
N ASP B 471 -7.07 11.83 10.22
CA ASP B 471 -8.45 11.45 10.34
C ASP B 471 -8.75 11.43 11.85
N GLN B 472 -9.54 12.41 12.29
CA GLN B 472 -9.74 12.71 13.71
C GLN B 472 -11.06 12.09 14.19
N LEU B 473 -10.98 11.35 15.28
CA LEU B 473 -12.13 10.75 15.89
C LEU B 473 -12.67 11.70 16.96
N ILE B 474 -13.95 12.02 16.82
CA ILE B 474 -14.66 12.99 17.66
C ILE B 474 -15.87 12.36 18.36
N ASP B 475 -15.98 12.60 19.67
CA ASP B 475 -17.12 12.18 20.51
C ASP B 475 -18.22 13.21 20.38
N ILE B 476 -19.35 12.82 19.77
CA ILE B 476 -20.47 13.72 19.60
C ILE B 476 -21.66 13.29 20.48
N SER B 477 -21.41 12.43 21.46
CA SER B 477 -22.44 11.86 22.28
C SER B 477 -23.08 12.96 23.15
N GLY B 478 -22.32 14.01 23.47
CA GLY B 478 -22.86 15.11 24.27
C GLY B 478 -23.25 16.36 23.49
N ASP B 479 -23.66 17.38 24.24
CA ASP B 479 -23.99 18.67 23.67
C ASP B 479 -22.83 19.31 22.91
N LYS B 480 -21.64 19.25 23.51
CA LYS B 480 -20.44 19.74 22.83
C LYS B 480 -19.53 18.60 22.39
N MET B 481 -18.84 18.85 21.29
CA MET B 481 -18.01 17.83 20.63
C MET B 481 -16.65 17.80 21.29
N VAL B 482 -16.05 16.62 21.36
CA VAL B 482 -14.76 16.43 22.05
C VAL B 482 -13.85 15.55 21.19
N LEU B 483 -12.70 16.09 20.82
CA LEU B 483 -11.72 15.33 20.04
C LEU B 483 -11.14 14.23 20.91
N VAL B 484 -11.04 13.01 20.36
CA VAL B 484 -10.49 11.89 21.14
C VAL B 484 -9.22 11.27 20.57
N HIS B 485 -9.08 11.23 19.26
CA HIS B 485 -7.95 10.54 18.60
C HIS B 485 -7.56 11.23 17.29
N ASP B 486 -6.25 11.41 17.08
CA ASP B 486 -5.66 11.75 15.78
C ASP B 486 -5.12 10.50 15.10
N GLY B 487 -5.70 10.14 13.97
CA GLY B 487 -5.26 8.97 13.22
C GLY B 487 -4.56 9.38 11.95
N PRO B 488 -3.23 9.18 11.89
CA PRO B 488 -2.55 9.45 10.65
C PRO B 488 -2.91 8.42 9.63
N THR B 489 -3.08 8.86 8.40
CA THR B 489 -3.40 7.96 7.30
C THR B 489 -2.62 8.36 6.07
N PHE B 490 -2.19 7.36 5.31
CA PHE B 490 -1.46 7.60 4.09
C PHE B 490 -2.31 8.15 2.93
N ALA B 491 -1.75 9.11 2.20
CA ALA B 491 -2.32 9.69 0.98
C ALA B 491 -3.30 8.83 0.15
N GLU B 492 -4.59 9.15 0.11
CA GLU B 492 -5.25 10.29 0.74
C GLU B 492 -6.76 9.96 0.81
N PRO B 493 -7.24 9.54 1.98
CA PRO B 493 -8.66 9.28 2.05
C PRO B 493 -9.50 10.51 1.79
N HIS B 494 -10.60 10.28 1.10
CA HIS B 494 -11.61 11.28 0.95
C HIS B 494 -12.75 10.93 1.91
N ASP B 495 -13.63 10.03 1.52
CA ASP B 495 -14.78 9.69 2.35
C ASP B 495 -14.58 8.34 3.02
N ALA B 496 -15.45 8.05 3.97
CA ALA B 496 -15.45 6.78 4.66
C ALA B 496 -16.84 6.52 5.24
N ILE B 497 -17.09 5.26 5.57
CA ILE B 497 -18.30 4.82 6.26
C ILE B 497 -17.96 3.90 7.41
N ALA B 498 -18.90 3.76 8.33
CA ALA B 498 -18.80 2.84 9.45
C ALA B 498 -20.10 2.02 9.60
N VAL B 499 -19.93 0.75 9.97
CA VAL B 499 -21.01 -0.23 9.88
C VAL B 499 -20.98 -1.14 11.12
N SER B 500 -22.16 -1.40 11.71
CA SER B 500 -22.31 -2.36 12.81
C SER B 500 -21.88 -3.77 12.36
N PRO B 501 -21.07 -4.47 13.19
CA PRO B 501 -20.75 -5.88 12.90
C PRO B 501 -21.99 -6.76 12.70
N SER B 502 -23.12 -6.40 13.32
CA SER B 502 -24.38 -7.15 13.17
C SER B 502 -24.86 -7.20 11.73
N ILE B 503 -24.44 -6.21 10.95
CA ILE B 503 -24.80 -6.16 9.54
C ILE B 503 -23.95 -7.10 8.66
N LEU B 504 -22.85 -7.61 9.21
CA LEU B 504 -21.86 -8.40 8.44
C LEU B 504 -21.55 -9.78 9.03
N PRO B 505 -22.57 -10.56 9.35
CA PRO B 505 -22.31 -11.94 9.82
C PRO B 505 -21.83 -12.86 8.69
N ASN B 506 -22.03 -12.43 7.44
CA ASN B 506 -21.65 -13.16 6.22
C ASN B 506 -20.16 -13.17 5.84
N ILE B 507 -19.33 -12.48 6.60
CA ILE B 507 -17.89 -12.46 6.31
C ILE B 507 -17.32 -13.83 6.64
N ARG B 508 -16.63 -14.42 5.68
CA ARG B 508 -16.16 -15.80 5.76
C ARG B 508 -14.80 -15.90 6.44
N SER B 509 -14.49 -17.09 6.93
CA SER B 509 -13.20 -17.38 7.55
C SER B 509 -12.25 -18.05 6.55
N VAL B 510 -12.80 -18.93 5.73
CA VAL B 510 -12.03 -19.56 4.65
C VAL B 510 -12.84 -19.45 3.36
N TRP B 511 -12.20 -19.67 2.23
CA TRP B 511 -12.93 -19.63 0.98
C TRP B 511 -13.80 -20.86 0.78
N ASP B 512 -14.81 -20.71 -0.07
CA ASP B 512 -15.57 -21.80 -0.64
C ASP B 512 -14.79 -22.31 -1.84
N ARG B 513 -14.59 -23.63 -1.91
CA ARG B 513 -13.85 -24.22 -3.02
C ARG B 513 -14.46 -23.92 -4.39
N ASN B 514 -15.77 -23.76 -4.47
CA ASN B 514 -16.48 -23.48 -5.72
C ASN B 514 -16.61 -21.99 -6.09
N ASP B 515 -15.80 -21.15 -5.49
CA ASP B 515 -15.96 -19.71 -5.71
C ASP B 515 -15.81 -19.32 -7.17
N PRO B 516 -16.67 -18.38 -7.67
CA PRO B 516 -16.50 -17.90 -9.06
C PRO B 516 -15.22 -17.12 -9.38
N LEU B 517 -14.47 -16.66 -8.39
CA LEU B 517 -13.26 -15.90 -8.71
C LEU B 517 -12.34 -16.69 -9.64
N TRP B 518 -12.24 -17.99 -9.40
CA TRP B 518 -11.37 -18.86 -10.19
C TRP B 518 -12.14 -19.83 -11.07
N ALA B 519 -13.35 -19.45 -11.45
CA ALA B 519 -14.17 -20.30 -12.32
C ALA B 519 -13.48 -20.68 -13.64
N GLU B 520 -12.81 -19.72 -14.27
CA GLU B 520 -12.19 -19.92 -15.59
C GLU B 520 -10.94 -20.77 -15.44
N THR B 521 -10.25 -20.57 -14.32
CA THR B 521 -9.12 -21.42 -13.96
C THR B 521 -9.55 -22.89 -13.75
N ARG B 522 -10.68 -23.09 -13.07
CA ARG B 522 -11.25 -24.40 -12.90
C ARG B 522 -11.68 -25.04 -14.24
N LYS B 523 -12.23 -24.24 -15.16
CA LYS B 523 -12.63 -24.73 -16.49
C LYS B 523 -11.42 -25.25 -17.26
N GLN B 524 -10.32 -24.51 -17.18
CA GLN B 524 -9.08 -24.96 -17.82
C GLN B 524 -8.51 -26.26 -17.18
N ALA B 525 -8.60 -26.38 -15.86
CA ALA B 525 -8.13 -27.56 -15.13
C ALA B 525 -8.92 -28.81 -15.52
N GLU B 526 -10.23 -28.64 -15.65
CA GLU B 526 -11.10 -29.74 -16.13
C GLU B 526 -10.75 -30.21 -17.55
N ALA B 527 -10.46 -29.27 -18.47
CA ALA B 527 -10.02 -29.59 -19.82
C ALA B 527 -8.67 -30.32 -19.78
N ASP B 528 -7.84 -29.98 -18.81
CA ASP B 528 -6.54 -30.64 -18.60
C ASP B 528 -6.66 -31.98 -17.89
N GLU B 529 -7.87 -32.33 -17.45
CA GLU B 529 -8.07 -33.54 -16.63
C GLU B 529 -7.40 -33.48 -15.28
N VAL B 530 -7.35 -32.27 -14.71
CA VAL B 530 -6.77 -32.06 -13.41
C VAL B 530 -7.92 -31.69 -12.45
N ASP B 531 -7.94 -32.33 -11.28
CA ASP B 531 -8.92 -32.06 -10.20
C ASP B 531 -8.25 -31.15 -9.17
N ILE B 532 -8.56 -29.85 -9.23
CA ILE B 532 -7.93 -28.89 -8.33
C ILE B 532 -8.41 -29.01 -6.89
N ASP B 533 -9.50 -29.76 -6.68
CA ASP B 533 -10.01 -30.01 -5.32
C ASP B 533 -9.23 -31.06 -4.52
N GLU B 534 -8.28 -31.73 -5.18
CA GLU B 534 -7.47 -32.74 -4.55
C GLU B 534 -5.99 -32.43 -4.79
N TRP B 535 -5.15 -33.06 -4.00
CA TRP B 535 -3.71 -32.99 -4.24
C TRP B 535 -3.34 -33.26 -5.70
N THR B 536 -2.46 -32.43 -6.25
CA THR B 536 -2.04 -32.56 -7.66
C THR B 536 -0.57 -32.18 -7.83
N GLU B 537 0.09 -32.88 -8.76
CA GLU B 537 1.45 -32.54 -9.21
C GLU B 537 1.51 -32.45 -10.74
N ALA B 538 0.39 -32.14 -11.38
CA ALA B 538 0.28 -32.18 -12.82
C ALA B 538 1.13 -31.09 -13.48
N VAL B 539 1.74 -31.45 -14.61
CA VAL B 539 2.41 -30.50 -15.50
C VAL B 539 1.91 -30.75 -16.94
N ILE B 540 1.14 -29.79 -17.43
CA ILE B 540 0.52 -29.89 -18.74
C ILE B 540 1.24 -29.10 -19.79
N ARG B 541 1.66 -29.77 -20.85
CA ARG B 541 2.38 -29.11 -21.93
C ARG B 541 1.41 -28.81 -23.05
N ASP B 542 1.47 -27.58 -23.57
CA ASP B 542 0.46 -27.06 -24.51
C ASP B 542 1.20 -26.18 -25.54
N GLY B 543 1.92 -26.81 -26.47
CA GLY B 543 2.83 -26.07 -27.35
C GLY B 543 4.01 -25.42 -26.64
N ASN B 544 4.11 -24.10 -26.77
CA ASN B 544 5.07 -23.30 -25.99
C ASN B 544 4.51 -22.81 -24.65
N LYS B 545 3.30 -23.23 -24.32
CA LYS B 545 2.73 -22.99 -22.98
C LYS B 545 2.87 -24.21 -22.09
N VAL B 546 3.09 -23.99 -20.79
CA VAL B 546 3.06 -25.03 -19.78
C VAL B 546 2.20 -24.58 -18.63
N ARG B 547 1.33 -25.47 -18.17
CA ARG B 547 0.47 -25.21 -17.02
C ARG B 547 0.91 -26.17 -15.90
N VAL B 548 1.31 -25.57 -14.80
CA VAL B 548 1.90 -26.25 -13.67
C VAL B 548 0.95 -26.12 -12.50
N TYR B 549 0.43 -27.27 -12.08
CA TYR B 549 -0.53 -27.35 -10.98
C TYR B 549 0.09 -27.79 -9.65
N MET B 550 -0.13 -27.00 -8.61
CA MET B 550 0.35 -27.32 -7.27
C MET B 550 -0.73 -27.21 -6.20
N THR B 551 -0.50 -27.96 -5.14
CA THR B 551 -1.26 -27.85 -3.93
C THR B 551 -0.31 -27.42 -2.82
N SER B 552 -0.74 -26.47 -2.01
CA SER B 552 0.01 -26.07 -0.83
C SER B 552 -0.72 -26.60 0.42
N VAL B 553 0.00 -27.42 1.19
CA VAL B 553 -0.50 -27.94 2.46
C VAL B 553 0.69 -27.81 3.42
N ALA B 554 0.57 -26.93 4.40
CA ALA B 554 1.73 -26.56 5.25
C ALA B 554 2.44 -27.81 5.73
N PRO B 555 3.79 -27.88 5.59
CA PRO B 555 4.74 -26.87 5.15
C PRO B 555 5.31 -27.05 3.75
N SER B 556 4.59 -27.74 2.84
CA SER B 556 5.16 -28.01 1.52
C SER B 556 4.23 -27.76 0.35
N PHE B 557 4.84 -27.39 -0.78
CA PHE B 557 4.18 -27.41 -2.08
C PHE B 557 4.18 -28.88 -2.55
N SER B 558 3.19 -29.25 -3.34
CA SER B 558 3.12 -30.61 -3.84
C SER B 558 4.22 -30.99 -4.85
N GLN B 559 4.82 -29.99 -5.47
CA GLN B 559 5.96 -30.23 -6.39
C GLN B 559 7.27 -29.65 -5.84
N PRO B 560 8.28 -30.50 -5.68
CA PRO B 560 9.58 -30.00 -5.23
C PRO B 560 10.30 -29.29 -6.35
N SER B 561 9.90 -29.58 -7.59
CA SER B 561 10.54 -29.01 -8.78
C SER B 561 9.71 -29.26 -10.01
N PHE B 562 9.96 -28.45 -11.03
CA PHE B 562 9.37 -28.65 -12.33
C PHE B 562 10.27 -28.04 -13.41
N THR B 563 10.10 -28.53 -14.63
CA THR B 563 10.98 -28.16 -15.74
C THR B 563 10.23 -27.57 -16.92
N VAL B 564 10.77 -26.47 -17.46
CA VAL B 564 10.24 -25.84 -18.65
C VAL B 564 11.39 -25.56 -19.62
N LYS B 565 11.05 -25.10 -20.81
CA LYS B 565 12.04 -24.68 -21.81
C LYS B 565 12.14 -23.17 -21.83
N GLU B 566 13.34 -22.67 -22.13
CA GLU B 566 13.60 -21.26 -22.36
C GLU B 566 12.56 -20.68 -23.30
N GLY B 567 11.88 -19.64 -22.82
CA GLY B 567 10.89 -18.89 -23.59
C GLY B 567 9.50 -19.41 -23.42
N ASP B 568 9.32 -20.47 -22.63
CA ASP B 568 7.97 -20.99 -22.40
C ASP B 568 7.14 -19.98 -21.62
N GLU B 569 5.86 -19.94 -21.97
CA GLU B 569 4.83 -19.21 -21.23
C GLU B 569 4.27 -20.12 -20.15
N VAL B 570 4.70 -19.86 -18.92
CA VAL B 570 4.39 -20.72 -17.82
C VAL B 570 3.24 -20.12 -17.04
N THR B 571 2.20 -20.91 -16.83
CA THR B 571 1.15 -20.60 -15.84
C THR B 571 1.22 -21.53 -14.63
N VAL B 572 1.30 -20.93 -13.45
CA VAL B 572 1.32 -21.72 -12.22
C VAL B 572 -0.05 -21.56 -11.55
N ILE B 573 -0.68 -22.69 -11.27
CA ILE B 573 -1.98 -22.77 -10.61
C ILE B 573 -1.76 -23.41 -9.22
N VAL B 574 -2.01 -22.65 -8.17
CA VAL B 574 -1.82 -23.15 -6.81
C VAL B 574 -3.12 -23.19 -6.03
N THR B 575 -3.43 -24.32 -5.42
CA THR B 575 -4.61 -24.45 -4.56
C THR B 575 -4.18 -24.71 -3.10
N ASN B 576 -4.66 -23.88 -2.17
CA ASN B 576 -4.36 -24.02 -0.75
C ASN B 576 -5.48 -24.90 -0.15
N LEU B 577 -5.15 -26.15 0.11
CA LEU B 577 -6.10 -27.08 0.70
C LEU B 577 -6.03 -27.14 2.24
N ASP B 578 -5.25 -26.25 2.87
CA ASP B 578 -5.38 -26.11 4.33
C ASP B 578 -6.80 -25.56 4.60
N GLU B 579 -7.47 -26.02 5.65
CA GLU B 579 -8.80 -25.47 5.95
C GLU B 579 -8.85 -24.91 7.35
N ILE B 580 -7.77 -24.22 7.70
CA ILE B 580 -7.58 -23.59 8.98
C ILE B 580 -7.61 -22.08 8.77
N ASP B 581 -8.49 -21.40 9.50
CA ASP B 581 -8.54 -19.94 9.55
C ASP B 581 -7.12 -19.34 9.69
N ASP B 582 -6.81 -18.36 8.85
CA ASP B 582 -5.58 -17.58 8.91
C ASP B 582 -4.34 -18.31 8.35
N LEU B 583 -4.52 -19.53 7.82
CA LEU B 583 -3.37 -20.30 7.28
C LEU B 583 -3.26 -20.08 5.77
N THR B 584 -2.82 -18.88 5.49
CA THR B 584 -2.60 -18.43 4.15
C THR B 584 -1.22 -18.88 3.68
N HIS B 585 -1.10 -19.28 2.42
CA HIS B 585 0.20 -19.51 1.79
C HIS B 585 0.40 -18.50 0.63
N GLY B 586 1.61 -18.47 0.09
CA GLY B 586 1.96 -17.62 -1.04
C GLY B 586 2.78 -18.42 -2.05
N PHE B 587 2.87 -17.89 -3.26
CA PHE B 587 3.76 -18.43 -4.29
C PHE B 587 4.51 -17.26 -4.91
N THR B 588 5.82 -17.26 -4.77
CA THR B 588 6.70 -16.28 -5.36
C THR B 588 7.72 -17.00 -6.23
N MET B 589 7.93 -16.50 -7.45
CA MET B 589 8.95 -17.12 -8.36
C MET B 589 10.11 -16.16 -8.38
N GLY B 590 11.21 -16.59 -7.78
CA GLY B 590 12.43 -15.80 -7.75
C GLY B 590 12.87 -15.25 -9.09
N ASN B 591 13.12 -13.94 -9.12
CA ASN B 591 13.64 -13.25 -10.29
C ASN B 591 12.71 -13.24 -11.52
N HIS B 592 11.45 -13.69 -11.36
CA HIS B 592 10.52 -13.69 -12.48
C HIS B 592 9.38 -12.68 -12.30
N GLY B 593 9.51 -11.85 -11.27
CA GLY B 593 8.53 -10.82 -10.99
C GLY B 593 7.12 -11.31 -10.75
N VAL B 594 6.96 -12.41 -10.04
CA VAL B 594 5.66 -12.99 -9.80
C VAL B 594 5.52 -13.30 -8.32
N ALA B 595 4.40 -12.85 -7.73
CA ALA B 595 4.08 -13.23 -6.34
C ALA B 595 2.56 -13.09 -6.15
N MET B 596 1.97 -14.11 -5.51
CA MET B 596 0.55 -14.10 -5.28
C MET B 596 0.17 -14.77 -3.95
N GLU B 597 -0.99 -14.35 -3.43
CA GLU B 597 -1.62 -14.89 -2.20
C GLU B 597 -2.42 -16.12 -2.56
N VAL B 598 -2.38 -17.15 -1.73
CA VAL B 598 -3.31 -18.27 -1.82
C VAL B 598 -3.89 -18.53 -0.44
N GLY B 599 -5.07 -18.00 -0.21
CA GLY B 599 -5.74 -18.13 1.06
C GLY B 599 -6.31 -19.51 1.30
N PRO B 600 -6.76 -19.79 2.53
CA PRO B 600 -7.28 -21.15 2.76
C PRO B 600 -8.46 -21.49 1.86
N GLN B 601 -8.35 -22.60 1.13
CA GLN B 601 -9.34 -23.12 0.17
C GLN B 601 -9.42 -22.32 -1.12
N GLN B 602 -8.46 -21.41 -1.31
CA GLN B 602 -8.41 -20.61 -2.55
C GLN B 602 -7.55 -21.34 -3.61
N THR B 603 -7.90 -21.10 -4.87
CA THR B 603 -7.07 -21.41 -6.02
C THR B 603 -6.68 -20.08 -6.69
N SER B 604 -5.40 -19.92 -6.99
CA SER B 604 -4.89 -18.72 -7.62
C SER B 604 -3.97 -19.13 -8.79
N SER B 605 -3.89 -18.30 -9.83
CA SER B 605 -2.98 -18.56 -10.95
C SER B 605 -2.29 -17.29 -11.50
N VAL B 606 -1.12 -17.49 -12.06
CA VAL B 606 -0.32 -16.39 -12.59
C VAL B 606 0.50 -16.88 -13.76
N THR B 607 0.70 -16.02 -14.76
CA THR B 607 1.37 -16.45 -15.99
C THR B 607 2.61 -15.55 -16.21
N PHE B 608 3.70 -16.14 -16.62
CA PHE B 608 4.91 -15.40 -16.93
C PHE B 608 5.75 -16.15 -17.97
N VAL B 609 6.68 -15.44 -18.59
CA VAL B 609 7.56 -16.06 -19.58
C VAL B 609 8.90 -16.33 -18.87
N ALA B 610 9.41 -17.55 -19.04
CA ALA B 610 10.70 -17.93 -18.50
C ALA B 610 11.74 -17.68 -19.59
N ALA B 611 12.25 -16.45 -19.64
CA ALA B 611 13.13 -15.95 -20.69
C ALA B 611 14.54 -16.54 -20.66
N ASN B 612 15.05 -16.88 -19.48
CA ASN B 612 16.45 -17.18 -19.29
C ASN B 612 16.66 -18.59 -18.75
N PRO B 613 17.54 -19.37 -19.39
CA PRO B 613 17.73 -20.70 -18.87
C PRO B 613 18.49 -20.67 -17.54
N GLY B 614 18.36 -21.76 -16.81
CA GLY B 614 18.92 -21.81 -15.45
C GLY B 614 17.95 -22.37 -14.43
N VAL B 615 18.38 -22.45 -13.18
CA VAL B 615 17.52 -22.91 -12.10
C VAL B 615 17.13 -21.68 -11.28
N TYR B 616 15.87 -21.65 -10.87
CA TYR B 616 15.27 -20.55 -10.08
C TYR B 616 14.43 -21.19 -8.98
N TRP B 617 14.35 -20.53 -7.84
CA TRP B 617 13.58 -21.06 -6.77
C TRP B 617 12.24 -20.35 -6.67
N TYR B 618 11.20 -21.12 -6.38
CA TYR B 618 9.92 -20.55 -5.94
C TYR B 618 9.74 -20.83 -4.47
N TYR B 619 9.01 -19.95 -3.77
CA TYR B 619 8.88 -20.10 -2.35
C TYR B 619 7.59 -19.50 -1.86
N CYS B 620 7.22 -19.86 -0.64
CA CYS B 620 6.01 -19.33 0.01
C CYS B 620 6.37 -18.03 0.77
N GLN B 621 5.68 -16.93 0.48
CA GLN B 621 6.00 -15.64 1.11
C GLN B 621 5.06 -15.31 2.27
N TRP B 622 4.19 -16.25 2.63
CA TRP B 622 3.28 -16.11 3.79
C TRP B 622 3.73 -17.00 4.95
N PHE B 623 4.27 -16.38 6.00
CA PHE B 623 4.77 -17.19 7.12
C PHE B 623 3.61 -18.06 7.63
N CYS B 624 3.82 -19.38 7.57
CA CYS B 624 2.73 -20.35 7.67
C CYS B 624 2.94 -21.51 8.65
N HIS B 625 4.16 -21.67 9.19
CA HIS B 625 4.63 -22.91 9.79
C HIS B 625 6.09 -22.73 10.25
N ALA B 626 6.53 -23.53 11.22
CA ALA B 626 7.90 -23.41 11.70
C ALA B 626 8.90 -23.70 10.57
N LEU B 627 8.46 -24.49 9.59
CA LEU B 627 9.32 -24.88 8.46
C LEU B 627 8.99 -24.07 7.20
N HIS B 628 8.57 -22.83 7.43
CA HIS B 628 8.25 -21.90 6.37
C HIS B 628 9.41 -21.58 5.44
N MET B 629 10.63 -21.41 5.99
CA MET B 629 11.79 -21.06 5.18
C MET B 629 12.08 -22.19 4.15
N GLU B 630 11.72 -23.41 4.54
CA GLU B 630 11.99 -24.60 3.74
C GLU B 630 10.84 -24.87 2.76
N MET B 631 9.81 -24.01 2.75
CA MET B 631 8.66 -24.17 1.85
C MET B 631 9.02 -23.56 0.51
N ARG B 632 9.74 -24.34 -0.29
CA ARG B 632 10.34 -23.90 -1.53
C ARG B 632 10.73 -25.05 -2.48
N GLY B 633 10.93 -24.67 -3.73
CA GLY B 633 11.14 -25.67 -4.83
C GLY B 633 11.82 -25.00 -6.01
N ARG B 634 12.24 -25.81 -6.99
CA ARG B 634 13.02 -25.34 -8.13
C ARG B 634 12.29 -25.42 -9.45
N MET B 635 12.39 -24.34 -10.22
CA MET B 635 12.03 -24.38 -11.62
C MET B 635 13.28 -24.45 -12.45
N PHE B 636 13.36 -25.49 -13.29
CA PHE B 636 14.46 -25.65 -14.20
C PHE B 636 14.02 -25.15 -15.55
N VAL B 637 14.82 -24.25 -16.13
CA VAL B 637 14.57 -23.69 -17.45
C VAL B 637 15.67 -24.14 -18.41
N GLU B 638 15.29 -25.01 -19.33
CA GLU B 638 16.26 -25.68 -20.20
C GLU B 638 16.69 -24.77 -21.37
N PRO B 639 17.99 -24.73 -21.64
CA PRO B 639 18.45 -23.94 -22.77
C PRO B 639 18.06 -24.55 -24.11
#